data_6S0E
#
_entry.id   6S0E
#
_cell.length_a   63.418
_cell.length_b   78.756
_cell.length_c   112.820
_cell.angle_alpha   90.000
_cell.angle_beta   94.960
_cell.angle_gamma   90.000
#
_symmetry.space_group_name_H-M   'P 1 21 1'
#
loop_
_entity.id
_entity.type
_entity.pdbx_description
1 polymer 'exosialidase from uncultured bacterium pG7'
2 non-polymer GLYCEROL
3 non-polymer 'ACETATE ION'
4 non-polymer 'TETRAETHYLENE GLYCOL'
5 non-polymer '2-DEOXY-2,3-DEHYDRO-N-ACETYL-NEURAMINIC ACID'
6 non-polymer 2-AMINO-2-HYDROXYMETHYL-PROPANE-1,3-DIOL
7 water water
#
_entity_poly.entity_id   1
_entity_poly.type   'polypeptide(L)'
_entity_poly.pdbx_seq_one_letter_code
;MRPETIPGISLNEDNSHYFYTRAGRRLSAEEVDSWVDQYAGTQVKELMLCPNCMRTSYASQVWDPIWRGYDPAGPDDQPL
LASLPPEERVAARGWIHTAWQLHQDGIDIYARWIRRCRQRGISPWISMRMNDVHYVNDERCFLHSEFWRENPQLRRVPYR
FAEWTDRAFDYGRAEVREHHLKLIRELAARYDFDGLELDWMRFGFHFRPGYEAEGAEILTAFTAEVRRLLDDWEKRRGHK
IHLGARIPSRPATALGLGMDAVTWARRGLVDMLVITPFWASAETDMPVEIWRQLLEGTGVTLAAGLEVLLRPYPDSPLFQ
TNSLETVRGAAASLLDRGAQRIYLFNYMDSQTAMEDLENYPTLLREIGSLETLAGKPRRHVLTFADTWAPGEPRAIPLPA
TCRPGEWRAFRLHTGPKPEPGEVIAALGIEGGVAIGPETLEVRVNGELCAFLGLVDLSKPRPDFPVYGFSVPLAAMRRGY
NLIEVTARQELRFGWAEFLIRPWHSHHHHHH
;
_entity_poly.pdbx_strand_id   A,B
#
# COMPACT_ATOMS: atom_id res chain seq x y z
N ILE A 6 -0.12 12.83 27.27
CA ILE A 6 -0.34 11.44 26.73
C ILE A 6 -1.27 11.52 25.52
N PRO A 7 -1.08 10.69 24.49
CA PRO A 7 -2.00 10.67 23.36
C PRO A 7 -3.49 10.53 23.73
N GLY A 8 -3.86 9.64 24.65
CA GLY A 8 -5.22 9.49 25.20
C GLY A 8 -6.15 8.72 24.25
N ILE A 9 -7.45 8.67 24.60
CA ILE A 9 -8.48 7.92 23.83
C ILE A 9 -9.52 8.90 23.28
N SER A 10 -9.97 8.60 22.07
CA SER A 10 -11.23 9.12 21.47
C SER A 10 -12.21 7.94 21.48
N LEU A 11 -13.40 8.08 22.05
CA LEU A 11 -14.34 6.94 22.12
C LEU A 11 -15.65 7.31 21.44
N ASN A 12 -16.12 6.49 20.50
CA ASN A 12 -17.33 6.67 19.67
C ASN A 12 -18.51 5.93 20.29
N GLU A 13 -19.55 6.67 20.70
CA GLU A 13 -20.89 6.16 21.04
C GLU A 13 -21.77 6.21 19.76
N ASP A 14 -22.29 5.05 19.31
CA ASP A 14 -23.11 4.92 18.09
C ASP A 14 -24.55 5.45 18.28
N ASN A 15 -25.30 5.49 17.20
CA ASN A 15 -26.60 6.22 17.02
C ASN A 15 -27.74 5.49 17.71
N SER A 16 -27.55 4.22 18.13
CA SER A 16 -28.62 3.25 18.47
C SER A 16 -28.44 2.58 19.86
N HIS A 17 -27.20 2.32 20.27
CA HIS A 17 -26.77 1.53 21.47
C HIS A 17 -27.47 1.94 22.77
N TYR A 18 -27.40 3.23 23.10
CA TYR A 18 -27.92 3.74 24.40
C TYR A 18 -29.45 3.49 24.47
N PHE A 19 -30.13 3.72 23.37
CA PHE A 19 -31.61 3.58 23.24
C PHE A 19 -31.98 2.10 23.27
N TYR A 20 -31.23 1.22 22.61
CA TYR A 20 -31.42 -0.25 22.72
C TYR A 20 -31.26 -0.74 24.18
N THR A 21 -30.17 -0.33 24.83
CA THR A 21 -29.71 -0.99 26.07
C THR A 21 -30.50 -0.50 27.27
N ARG A 22 -30.95 0.76 27.27
CA ARG A 22 -31.74 1.36 28.39
C ARG A 22 -33.24 1.26 28.08
N ALA A 23 -33.65 0.58 26.99
CA ALA A 23 -35.08 0.37 26.67
C ALA A 23 -35.85 -0.15 27.89
N GLY A 24 -36.99 0.48 28.19
CA GLY A 24 -37.93 0.01 29.22
C GLY A 24 -37.73 0.72 30.55
N ARG A 25 -36.60 1.35 30.72
CA ARG A 25 -36.38 2.36 31.77
C ARG A 25 -37.04 3.62 31.23
N ARG A 26 -37.73 4.36 32.11
CA ARG A 26 -38.17 5.76 31.86
C ARG A 26 -36.98 6.61 32.30
N LEU A 27 -36.18 7.11 31.36
CA LEU A 27 -34.90 7.77 31.69
C LEU A 27 -35.19 9.20 32.16
N SER A 28 -34.59 9.58 33.30
CA SER A 28 -34.55 10.96 33.82
C SER A 28 -33.34 11.66 33.24
N ALA A 29 -33.38 13.00 33.24
CA ALA A 29 -32.23 13.87 32.93
C ALA A 29 -31.00 13.38 33.72
N GLU A 30 -31.12 13.00 34.98
CA GLU A 30 -29.95 12.58 35.80
C GLU A 30 -29.33 11.28 35.26
N GLU A 31 -30.14 10.27 34.94
CA GLU A 31 -29.57 8.99 34.43
C GLU A 31 -28.88 9.27 33.09
N VAL A 32 -29.58 9.95 32.17
CA VAL A 32 -29.02 10.35 30.86
C VAL A 32 -27.63 10.94 31.10
N ASP A 33 -27.50 11.95 31.98
CA ASP A 33 -26.18 12.59 32.30
C ASP A 33 -25.21 11.52 32.83
N SER A 34 -25.66 10.53 33.61
CA SER A 34 -24.73 9.57 34.30
C SER A 34 -23.96 8.66 33.29
N TRP A 35 -24.41 8.57 32.03
CA TRP A 35 -23.78 7.73 31.00
C TRP A 35 -22.36 8.26 30.75
N VAL A 36 -22.14 9.57 30.88
CA VAL A 36 -20.84 10.25 30.62
C VAL A 36 -19.86 9.85 31.73
N ASP A 37 -20.37 9.84 32.95
CA ASP A 37 -19.56 9.70 34.19
C ASP A 37 -18.65 8.45 34.14
N GLN A 38 -19.07 7.34 33.54
CA GLN A 38 -18.23 6.12 33.57
C GLN A 38 -16.91 6.45 32.88
N TYR A 39 -16.90 7.41 31.93
CA TYR A 39 -15.73 7.76 31.12
C TYR A 39 -14.89 8.84 31.81
N ALA A 40 -15.45 9.50 32.84
CA ALA A 40 -14.74 10.49 33.70
C ALA A 40 -13.56 9.80 34.37
N GLY A 41 -12.48 10.55 34.56
CA GLY A 41 -11.24 10.05 35.18
C GLY A 41 -10.52 9.03 34.31
N THR A 42 -10.94 8.76 33.07
CA THR A 42 -10.19 7.82 32.21
C THR A 42 -9.23 8.61 31.34
N GLN A 43 -8.57 7.93 30.40
CA GLN A 43 -7.71 8.61 29.41
C GLN A 43 -8.56 9.05 28.24
N VAL A 44 -9.87 8.82 28.26
CA VAL A 44 -10.78 9.31 27.17
C VAL A 44 -10.70 10.85 27.15
N LYS A 45 -10.22 11.48 26.07
CA LYS A 45 -10.18 12.97 25.89
C LYS A 45 -11.39 13.47 25.10
N GLU A 46 -11.93 12.73 24.14
CA GLU A 46 -13.18 13.14 23.45
C GLU A 46 -14.20 12.00 23.43
N LEU A 47 -15.48 12.30 23.68
CA LEU A 47 -16.54 11.34 23.28
C LEU A 47 -17.07 11.78 21.91
N MET A 48 -17.22 10.85 20.99
CA MET A 48 -17.71 11.15 19.62
C MET A 48 -19.13 10.59 19.64
N LEU A 49 -20.08 11.49 19.75
CA LEU A 49 -21.50 11.18 19.96
C LEU A 49 -22.17 11.16 18.59
N CYS A 50 -22.62 9.98 18.15
CA CYS A 50 -23.23 9.76 16.81
C CYS A 50 -24.75 9.84 16.95
N PRO A 51 -25.40 10.80 16.25
CA PRO A 51 -26.84 10.98 16.39
C PRO A 51 -27.65 10.44 15.19
N ASN A 52 -27.05 9.66 14.30
CA ASN A 52 -27.79 9.35 13.06
C ASN A 52 -27.30 8.05 12.39
N CYS A 53 -28.23 7.43 11.70
CA CYS A 53 -28.02 6.49 10.58
C CYS A 53 -28.74 7.21 9.42
N MET A 54 -29.56 6.57 8.59
CA MET A 54 -30.33 7.32 7.56
C MET A 54 -31.33 8.25 8.29
N ARG A 55 -31.64 7.91 9.55
CA ARG A 55 -32.60 8.63 10.41
C ARG A 55 -31.87 9.15 11.66
N THR A 56 -32.38 10.23 12.28
CA THR A 56 -31.78 10.75 13.54
C THR A 56 -32.43 10.06 14.75
N SER A 57 -31.67 9.93 15.84
CA SER A 57 -32.14 9.45 17.16
C SER A 57 -32.63 10.66 18.01
N TYR A 58 -32.41 11.89 17.56
CA TYR A 58 -33.02 13.09 18.21
C TYR A 58 -34.19 13.62 17.35
N ALA A 59 -34.92 14.61 17.87
CA ALA A 59 -36.10 15.17 17.18
C ALA A 59 -35.68 16.19 16.11
N SER A 60 -35.14 15.70 14.98
CA SER A 60 -34.70 16.55 13.84
C SER A 60 -35.93 17.16 13.15
N GLN A 61 -35.79 18.36 12.55
CA GLN A 61 -36.87 19.00 11.74
C GLN A 61 -36.55 19.00 10.23
N VAL A 62 -35.34 18.58 9.83
CA VAL A 62 -34.85 18.48 8.41
C VAL A 62 -34.77 17.02 7.98
N TRP A 63 -34.55 16.09 8.90
CA TRP A 63 -34.40 14.65 8.59
C TRP A 63 -35.45 13.83 9.32
N ASP A 64 -35.58 12.54 9.00
CA ASP A 64 -36.56 11.65 9.68
C ASP A 64 -36.00 11.21 11.04
N PRO A 65 -36.71 11.49 12.16
CA PRO A 65 -36.37 10.85 13.42
C PRO A 65 -36.63 9.34 13.25
N ILE A 66 -36.01 8.56 14.13
CA ILE A 66 -36.05 7.08 14.06
C ILE A 66 -37.52 6.67 14.22
N TRP A 67 -38.34 7.50 14.87
CA TRP A 67 -39.74 7.18 15.24
C TRP A 67 -40.74 7.71 14.21
N ARG A 68 -40.30 8.22 13.06
CA ARG A 68 -41.26 8.68 12.03
C ARG A 68 -42.10 7.47 11.62
N GLY A 69 -43.42 7.54 11.72
CA GLY A 69 -44.36 6.46 11.34
C GLY A 69 -44.66 5.51 12.49
N TYR A 70 -44.10 5.78 13.67
CA TYR A 70 -44.22 4.94 14.90
C TYR A 70 -45.57 5.19 15.58
N ASP A 71 -46.27 4.11 15.98
CA ASP A 71 -47.50 4.16 16.82
C ASP A 71 -47.16 3.76 18.26
N PRO A 72 -46.75 4.73 19.13
CA PRO A 72 -46.27 4.42 20.48
C PRO A 72 -47.16 3.50 21.35
N ALA A 73 -48.48 3.58 21.18
CA ALA A 73 -49.50 2.83 21.93
C ALA A 73 -49.84 1.50 21.23
N GLY A 74 -49.37 1.34 19.98
CA GLY A 74 -49.81 0.25 19.11
C GLY A 74 -49.09 -1.05 19.45
N PRO A 75 -49.45 -2.16 18.75
CA PRO A 75 -48.77 -3.44 18.92
C PRO A 75 -47.43 -3.44 18.17
N ASP A 76 -46.59 -4.46 18.42
CA ASP A 76 -45.28 -4.62 17.73
C ASP A 76 -45.54 -4.76 16.22
N ASP A 77 -46.57 -5.54 15.85
CA ASP A 77 -47.14 -5.77 14.49
C ASP A 77 -47.85 -4.50 14.03
N GLN A 78 -47.07 -3.48 13.68
CA GLN A 78 -47.51 -2.16 13.16
C GLN A 78 -46.68 -1.89 11.91
N PRO A 79 -47.18 -1.09 10.93
CA PRO A 79 -46.49 -0.81 9.66
C PRO A 79 -44.97 -0.54 9.73
N LEU A 80 -44.53 0.40 10.58
CA LEU A 80 -43.10 0.82 10.70
C LEU A 80 -42.22 -0.38 11.05
N LEU A 81 -42.74 -1.33 11.83
CA LEU A 81 -42.05 -2.57 12.27
C LEU A 81 -42.52 -3.83 11.51
N ALA A 82 -43.46 -3.74 10.57
CA ALA A 82 -44.11 -4.94 9.96
C ALA A 82 -43.08 -5.84 9.27
N SER A 83 -42.13 -5.24 8.54
CA SER A 83 -41.17 -5.97 7.66
C SER A 83 -40.21 -6.86 8.46
N LEU A 84 -40.06 -6.69 9.79
CA LEU A 84 -39.10 -7.50 10.60
C LEU A 84 -39.77 -8.77 11.13
N PRO A 85 -39.00 -9.84 11.44
CA PRO A 85 -39.50 -10.96 12.25
C PRO A 85 -40.00 -10.43 13.59
N PRO A 86 -41.01 -11.06 14.22
CA PRO A 86 -41.58 -10.55 15.48
C PRO A 86 -40.57 -10.29 16.60
N GLU A 87 -39.69 -11.25 16.84
CA GLU A 87 -38.67 -11.12 17.91
C GLU A 87 -37.69 -9.96 17.59
N GLU A 88 -37.46 -9.64 16.31
CA GLU A 88 -36.61 -8.47 15.94
C GLU A 88 -37.39 -7.16 16.10
N ARG A 89 -38.72 -7.17 15.96
CA ARG A 89 -39.55 -5.98 16.32
C ARG A 89 -39.29 -5.57 17.78
N VAL A 90 -39.13 -6.51 18.73
CA VAL A 90 -38.90 -6.14 20.16
C VAL A 90 -37.63 -5.29 20.26
N ALA A 91 -36.54 -5.70 19.60
CA ALA A 91 -35.25 -5.00 19.75
C ALA A 91 -35.35 -3.59 19.14
N ALA A 92 -35.85 -3.48 17.90
CA ALA A 92 -35.98 -2.20 17.15
C ALA A 92 -36.88 -1.20 17.87
N ARG A 93 -38.01 -1.66 18.40
CA ARG A 93 -38.97 -0.78 19.13
C ARG A 93 -38.28 -0.29 20.44
N GLY A 94 -37.40 -1.10 21.06
CA GLY A 94 -36.56 -0.62 22.16
C GLY A 94 -35.85 0.66 21.75
N TRP A 95 -35.26 0.70 20.56
CA TRP A 95 -34.49 1.90 20.15
C TRP A 95 -35.48 3.02 19.80
N ILE A 96 -36.47 2.74 18.94
CA ILE A 96 -37.47 3.75 18.52
C ILE A 96 -38.14 4.44 19.74
N HIS A 97 -38.61 3.65 20.71
CA HIS A 97 -39.48 4.10 21.84
C HIS A 97 -38.63 4.92 22.81
N THR A 98 -37.41 4.49 23.15
CA THR A 98 -36.59 5.20 24.15
C THR A 98 -36.25 6.58 23.55
N ALA A 99 -35.82 6.61 22.29
CA ALA A 99 -35.48 7.84 21.55
C ALA A 99 -36.70 8.76 21.59
N TRP A 100 -37.84 8.20 21.21
CA TRP A 100 -39.14 8.93 21.19
C TRP A 100 -39.45 9.45 22.61
N GLN A 101 -39.50 8.55 23.58
CA GLN A 101 -39.94 8.87 24.96
C GLN A 101 -39.07 10.01 25.52
N LEU A 102 -37.77 10.06 25.20
CA LEU A 102 -36.85 11.11 25.72
C LEU A 102 -37.30 12.49 25.20
N HIS A 103 -37.55 12.59 23.88
CA HIS A 103 -38.04 13.82 23.21
C HIS A 103 -39.32 14.30 23.91
N GLN A 104 -40.27 13.37 24.09
CA GLN A 104 -41.58 13.60 24.74
C GLN A 104 -41.39 14.14 26.18
N ASP A 105 -40.32 13.74 26.88
CA ASP A 105 -39.93 14.24 28.22
C ASP A 105 -39.11 15.55 28.15
N GLY A 106 -38.98 16.15 26.96
CA GLY A 106 -38.22 17.41 26.79
C GLY A 106 -36.73 17.21 27.02
N ILE A 107 -36.25 15.97 26.88
CA ILE A 107 -34.80 15.63 27.05
C ILE A 107 -34.18 15.46 25.67
N ASP A 108 -33.29 16.38 25.32
CA ASP A 108 -32.40 16.25 24.14
C ASP A 108 -31.10 15.59 24.63
N ILE A 109 -30.98 14.28 24.41
CA ILE A 109 -29.87 13.43 24.93
C ILE A 109 -28.53 14.01 24.49
N TYR A 110 -28.41 14.51 23.27
CA TYR A 110 -27.10 15.04 22.77
C TYR A 110 -26.74 16.35 23.48
N ALA A 111 -27.73 17.24 23.74
CA ALA A 111 -27.51 18.50 24.49
C ALA A 111 -27.04 18.18 25.91
N ARG A 112 -27.64 17.17 26.53
CA ARG A 112 -27.36 16.79 27.95
C ARG A 112 -25.95 16.17 28.05
N TRP A 113 -25.56 15.31 27.09
CA TRP A 113 -24.24 14.62 27.01
C TRP A 113 -23.10 15.60 26.77
N ILE A 114 -23.31 16.57 25.86
CA ILE A 114 -22.31 17.63 25.52
C ILE A 114 -22.02 18.46 26.79
N ARG A 115 -23.06 18.92 27.48
CA ARG A 115 -22.93 19.72 28.70
C ARG A 115 -22.32 18.90 29.84
N ARG A 116 -22.71 17.60 29.92
CA ARG A 116 -22.17 16.68 30.96
C ARG A 116 -20.69 16.33 30.65
N CYS A 117 -20.38 15.98 29.41
CA CYS A 117 -18.98 15.90 28.90
C CYS A 117 -18.13 17.04 29.47
N ARG A 118 -18.46 18.31 29.23
CA ARG A 118 -17.65 19.47 29.70
C ARG A 118 -17.50 19.47 31.24
N GLN A 119 -18.53 19.08 31.99
CA GLN A 119 -18.49 19.13 33.48
C GLN A 119 -17.51 18.12 34.03
N ARG A 120 -17.26 17.05 33.26
CA ARG A 120 -16.37 15.90 33.55
C ARG A 120 -15.03 16.05 32.79
N GLY A 121 -14.76 17.21 32.19
CA GLY A 121 -13.47 17.51 31.53
C GLY A 121 -13.23 16.65 30.31
N ILE A 122 -14.33 16.22 29.65
CA ILE A 122 -14.34 15.42 28.40
C ILE A 122 -14.83 16.35 27.30
N SER A 123 -14.09 16.42 26.18
CA SER A 123 -14.41 17.30 25.03
C SER A 123 -15.45 16.59 24.17
N PRO A 124 -16.69 17.08 24.08
CA PRO A 124 -17.74 16.39 23.35
C PRO A 124 -17.73 16.69 21.85
N TRP A 125 -17.76 15.62 21.08
CA TRP A 125 -17.88 15.70 19.60
C TRP A 125 -19.22 15.09 19.15
N ILE A 126 -19.68 15.52 17.99
CA ILE A 126 -20.77 14.88 17.21
C ILE A 126 -20.10 14.18 16.03
N SER A 127 -20.39 12.89 15.85
CA SER A 127 -19.91 12.04 14.73
C SER A 127 -21.09 11.61 13.85
N MET A 128 -21.13 12.14 12.64
CA MET A 128 -22.22 11.86 11.68
C MET A 128 -21.85 10.65 10.82
N ARG A 129 -22.76 9.71 10.70
CA ARG A 129 -22.61 8.60 9.73
C ARG A 129 -23.03 9.14 8.35
N MET A 130 -22.10 9.19 7.42
CA MET A 130 -22.28 9.86 6.10
C MET A 130 -23.12 8.98 5.15
N ASN A 131 -23.25 7.69 5.37
CA ASN A 131 -23.86 6.86 4.31
C ASN A 131 -24.09 5.47 4.88
N ASP A 132 -24.74 5.40 6.04
CA ASP A 132 -25.13 4.15 6.69
C ASP A 132 -26.15 3.41 5.84
N VAL A 133 -25.95 2.11 5.72
CA VAL A 133 -26.71 1.25 4.78
C VAL A 133 -27.10 -0.08 5.45
N HIS A 134 -27.17 -0.10 6.78
CA HIS A 134 -27.70 -1.33 7.45
C HIS A 134 -29.09 -1.69 6.93
N TYR A 135 -29.25 -2.96 6.56
CA TYR A 135 -30.50 -3.67 6.25
C TYR A 135 -31.13 -3.14 4.95
N VAL A 136 -30.31 -2.53 4.05
CA VAL A 136 -30.84 -1.94 2.79
C VAL A 136 -31.44 -3.05 1.90
N ASN A 137 -31.23 -4.31 2.26
CA ASN A 137 -31.85 -5.49 1.62
C ASN A 137 -33.35 -5.46 1.89
N ASP A 138 -33.78 -4.85 3.01
CA ASP A 138 -35.19 -4.70 3.43
C ASP A 138 -35.61 -3.25 3.11
N GLU A 139 -36.30 -3.08 1.97
CA GLU A 139 -36.68 -1.77 1.42
C GLU A 139 -37.68 -1.12 2.38
N ARG A 140 -38.37 -1.92 3.20
CA ARG A 140 -39.44 -1.48 4.16
C ARG A 140 -38.90 -1.31 5.60
N CYS A 141 -37.60 -1.44 5.81
CA CYS A 141 -36.99 -1.39 7.16
C CYS A 141 -37.17 0.00 7.81
N PHE A 142 -37.36 -0.03 9.12
CA PHE A 142 -37.73 1.12 9.99
C PHE A 142 -36.66 2.20 9.93
N LEU A 143 -35.35 1.87 9.82
CA LEU A 143 -34.29 2.87 10.05
C LEU A 143 -33.81 3.50 8.73
N HIS A 144 -34.41 3.19 7.58
CA HIS A 144 -34.13 3.95 6.32
C HIS A 144 -34.96 5.26 6.30
N SER A 145 -34.39 6.36 5.76
CA SER A 145 -35.06 7.69 5.55
C SER A 145 -36.07 7.54 4.42
N GLU A 146 -37.21 8.22 4.46
CA GLU A 146 -38.17 8.18 3.34
C GLU A 146 -37.42 8.60 2.07
N PHE A 147 -36.50 9.57 2.19
CA PHE A 147 -35.70 10.15 1.08
C PHE A 147 -34.95 9.04 0.34
N TRP A 148 -34.29 8.12 1.06
CA TRP A 148 -33.65 6.92 0.47
C TRP A 148 -34.69 6.02 -0.21
N ARG A 149 -35.84 5.77 0.44
CA ARG A 149 -36.81 4.77 -0.06
C ARG A 149 -37.38 5.24 -1.41
N GLU A 150 -37.54 6.55 -1.57
CA GLU A 150 -38.30 7.14 -2.70
C GLU A 150 -37.39 7.47 -3.86
N ASN A 151 -36.08 7.36 -3.67
CA ASN A 151 -35.06 7.83 -4.65
C ASN A 151 -34.01 6.75 -4.91
N PRO A 152 -34.43 5.60 -5.48
CA PRO A 152 -33.50 4.53 -5.82
C PRO A 152 -32.51 5.01 -6.89
N GLN A 153 -32.95 5.95 -7.73
CA GLN A 153 -32.08 6.54 -8.79
C GLN A 153 -30.85 7.22 -8.17
N LEU A 154 -30.83 7.54 -6.86
CA LEU A 154 -29.66 8.23 -6.23
C LEU A 154 -28.65 7.23 -5.63
N ARG A 155 -28.82 5.92 -5.82
CA ARG A 155 -27.88 4.93 -5.25
C ARG A 155 -26.69 4.72 -6.19
N ARG A 156 -25.68 4.10 -5.61
CA ARG A 156 -24.31 3.93 -6.15
C ARG A 156 -24.28 2.97 -7.33
N VAL A 157 -24.93 1.81 -7.19
CA VAL A 157 -24.88 0.68 -8.17
C VAL A 157 -26.30 0.24 -8.54
N PRO A 158 -26.85 0.69 -9.70
CA PRO A 158 -28.12 0.19 -10.24
C PRO A 158 -28.13 -1.23 -10.83
N TYR A 159 -26.96 -1.73 -11.23
CA TYR A 159 -26.90 -2.86 -12.17
C TYR A 159 -26.65 -4.14 -11.39
N ARG A 160 -26.58 -4.08 -10.06
CA ARG A 160 -26.54 -5.34 -9.26
C ARG A 160 -26.88 -5.07 -7.81
N PHE A 161 -27.09 -6.12 -7.03
CA PHE A 161 -27.24 -5.92 -5.57
C PHE A 161 -26.53 -7.07 -4.89
N ALA A 162 -25.20 -7.03 -4.77
CA ALA A 162 -24.43 -8.13 -4.14
C ALA A 162 -24.02 -7.75 -2.72
N GLU A 163 -23.94 -6.46 -2.36
CA GLU A 163 -23.58 -5.97 -1.00
C GLU A 163 -24.43 -4.73 -0.65
N TRP A 164 -24.58 -4.41 0.63
CA TRP A 164 -25.36 -3.23 1.14
C TRP A 164 -24.90 -1.91 0.50
N THR A 165 -23.59 -1.76 0.34
CA THR A 165 -22.92 -0.56 -0.24
C THR A 165 -23.41 -0.36 -1.67
N ASP A 166 -23.82 -1.42 -2.36
CA ASP A 166 -24.47 -1.27 -3.69
C ASP A 166 -25.69 -0.34 -3.60
N ARG A 167 -26.36 -0.22 -2.43
CA ARG A 167 -27.57 0.61 -2.32
C ARG A 167 -27.24 1.85 -1.50
N ALA A 168 -25.96 2.18 -1.29
CA ALA A 168 -25.55 3.41 -0.55
C ALA A 168 -25.89 4.62 -1.43
N PHE A 169 -25.96 5.82 -0.85
CA PHE A 169 -26.23 7.06 -1.62
C PHE A 169 -24.98 7.36 -2.49
N ASP A 170 -25.19 7.91 -3.69
CA ASP A 170 -24.11 8.39 -4.59
C ASP A 170 -23.86 9.87 -4.29
N TYR A 171 -22.82 10.21 -3.53
CA TYR A 171 -22.42 11.62 -3.25
C TYR A 171 -21.98 12.33 -4.55
N GLY A 172 -21.94 11.63 -5.71
CA GLY A 172 -21.76 12.27 -7.02
C GLY A 172 -22.93 13.16 -7.39
N ARG A 173 -24.10 12.87 -6.82
CA ARG A 173 -25.36 13.63 -7.00
C ARG A 173 -25.41 14.82 -6.02
N ALA A 174 -25.73 16.01 -6.58
CA ALA A 174 -26.06 17.27 -5.88
C ALA A 174 -27.10 17.05 -4.78
N GLU A 175 -28.12 16.25 -5.09
CA GLU A 175 -29.30 16.00 -4.22
C GLU A 175 -28.86 15.27 -2.96
N VAL A 176 -27.86 14.40 -3.10
CA VAL A 176 -27.35 13.55 -2.00
C VAL A 176 -26.54 14.42 -1.05
N ARG A 177 -25.62 15.20 -1.60
CA ARG A 177 -24.78 16.17 -0.85
C ARG A 177 -25.69 17.13 -0.07
N GLU A 178 -26.62 17.80 -0.76
CA GLU A 178 -27.57 18.72 -0.14
C GLU A 178 -28.31 18.01 1.01
N HIS A 179 -28.76 16.75 0.80
CA HIS A 179 -29.51 15.99 1.84
C HIS A 179 -28.62 15.90 3.10
N HIS A 180 -27.33 15.61 2.93
CA HIS A 180 -26.38 15.40 4.05
C HIS A 180 -25.95 16.75 4.63
N LEU A 181 -25.82 17.80 3.81
CA LEU A 181 -25.43 19.15 4.32
C LEU A 181 -26.59 19.76 5.17
N LYS A 182 -27.86 19.44 4.86
CA LYS A 182 -29.06 19.88 5.66
C LYS A 182 -28.94 19.44 7.13
N LEU A 183 -28.62 18.16 7.37
CA LEU A 183 -28.42 17.61 8.72
C LEU A 183 -27.23 18.28 9.37
N ILE A 184 -26.13 18.49 8.65
CA ILE A 184 -24.92 19.14 9.21
C ILE A 184 -25.27 20.57 9.66
N ARG A 185 -25.97 21.33 8.82
CA ARG A 185 -26.45 22.70 9.16
C ARG A 185 -27.31 22.69 10.42
N GLU A 186 -28.24 21.74 10.54
CA GLU A 186 -29.06 21.60 11.78
C GLU A 186 -28.19 21.21 12.98
N LEU A 187 -27.26 20.27 12.83
CA LEU A 187 -26.41 19.78 13.96
C LEU A 187 -25.62 20.96 14.52
N ALA A 188 -25.05 21.77 13.65
CA ALA A 188 -24.25 22.95 14.05
C ALA A 188 -25.12 24.02 14.76
N ALA A 189 -26.34 24.29 14.31
CA ALA A 189 -27.28 25.23 14.97
C ALA A 189 -27.75 24.70 16.33
N ARG A 190 -28.08 23.41 16.41
CA ARG A 190 -28.79 22.82 17.57
C ARG A 190 -27.80 22.45 18.70
N TYR A 191 -26.56 22.06 18.37
CA TYR A 191 -25.56 21.54 19.35
C TYR A 191 -24.29 22.39 19.35
N ASP A 192 -23.83 22.70 20.59
CA ASP A 192 -22.57 23.42 20.85
C ASP A 192 -21.45 22.42 21.15
N PHE A 193 -20.99 21.70 20.12
CA PHE A 193 -19.92 20.67 20.20
C PHE A 193 -18.55 21.34 20.04
N ASP A 194 -17.50 20.77 20.63
CA ASP A 194 -16.09 21.22 20.43
C ASP A 194 -15.59 20.74 19.06
N GLY A 195 -16.22 19.74 18.46
CA GLY A 195 -15.94 19.40 17.07
C GLY A 195 -16.91 18.41 16.45
N LEU A 196 -17.05 18.50 15.12
CA LEU A 196 -17.85 17.55 14.30
C LEU A 196 -16.89 16.54 13.65
N GLU A 197 -17.25 15.25 13.64
CA GLU A 197 -16.52 14.22 12.83
C GLU A 197 -17.41 13.76 11.65
N LEU A 198 -16.90 13.92 10.45
CA LEU A 198 -17.57 13.31 9.26
C LEU A 198 -17.19 11.82 9.21
N ASP A 199 -18.07 10.89 9.58
CA ASP A 199 -17.79 9.43 9.59
C ASP A 199 -18.06 8.78 8.22
N TRP A 200 -17.13 8.96 7.28
CA TRP A 200 -17.17 8.47 5.87
C TRP A 200 -17.19 6.95 5.93
N MET A 201 -16.64 6.40 7.01
CA MET A 201 -16.37 4.96 7.14
C MET A 201 -17.62 4.18 7.55
N ARG A 202 -18.76 4.87 7.72
CA ARG A 202 -20.08 4.21 7.63
C ARG A 202 -20.75 4.54 6.28
N PHE A 203 -20.61 3.67 5.24
CA PHE A 203 -19.88 2.39 5.19
C PHE A 203 -18.67 2.48 4.21
N GLY A 204 -18.17 3.70 3.95
CA GLY A 204 -16.94 3.96 3.17
C GLY A 204 -17.12 4.07 1.66
N PHE A 205 -18.31 3.75 1.15
CA PHE A 205 -18.63 3.61 -0.29
C PHE A 205 -19.62 4.73 -0.69
N HIS A 206 -19.16 5.74 -1.44
CA HIS A 206 -19.91 7.01 -1.64
C HIS A 206 -20.12 7.33 -3.13
N PHE A 207 -19.52 6.60 -4.09
CA PHE A 207 -19.48 7.01 -5.52
C PHE A 207 -19.81 5.80 -6.37
N ARG A 208 -20.38 5.99 -7.58
CA ARG A 208 -20.46 4.96 -8.65
C ARG A 208 -19.07 4.33 -8.81
N PRO A 209 -19.00 2.98 -8.90
CA PRO A 209 -17.75 2.30 -9.29
C PRO A 209 -17.11 2.94 -10.54
N GLY A 210 -15.87 3.43 -10.38
CA GLY A 210 -15.04 4.01 -11.44
C GLY A 210 -14.96 5.53 -11.37
N TYR A 211 -15.81 6.18 -10.54
CA TYR A 211 -15.92 7.67 -10.44
C TYR A 211 -15.25 8.28 -9.21
N GLU A 212 -14.27 7.59 -8.64
CA GLU A 212 -13.66 7.93 -7.34
C GLU A 212 -12.74 9.15 -7.48
N ALA A 213 -12.21 9.42 -8.66
CA ALA A 213 -11.31 10.57 -8.88
C ALA A 213 -12.11 11.87 -8.80
N GLU A 214 -13.11 12.05 -9.66
CA GLU A 214 -14.21 13.05 -9.54
C GLU A 214 -14.63 13.05 -8.05
N GLY A 215 -15.06 11.90 -7.55
CA GLY A 215 -15.40 11.76 -6.12
C GLY A 215 -14.48 12.57 -5.22
N ALA A 216 -13.17 12.43 -5.38
CA ALA A 216 -12.19 13.05 -4.45
C ALA A 216 -12.30 14.58 -4.45
N GLU A 217 -12.53 15.19 -5.64
CA GLU A 217 -12.67 16.66 -5.79
C GLU A 217 -13.93 17.10 -5.02
N ILE A 218 -15.01 16.33 -5.20
CA ILE A 218 -16.37 16.53 -4.61
C ILE A 218 -16.31 16.38 -3.08
N LEU A 219 -15.57 15.42 -2.55
CA LEU A 219 -15.59 15.28 -1.07
C LEU A 219 -14.73 16.37 -0.45
N THR A 220 -13.75 16.88 -1.19
CA THR A 220 -12.86 17.96 -0.71
C THR A 220 -13.67 19.25 -0.59
N ALA A 221 -14.44 19.57 -1.62
CA ALA A 221 -15.32 20.76 -1.68
C ALA A 221 -16.39 20.64 -0.57
N PHE A 222 -16.96 19.45 -0.38
CA PHE A 222 -17.97 19.15 0.67
C PHE A 222 -17.34 19.48 2.03
N THR A 223 -16.14 18.91 2.27
CA THR A 223 -15.37 19.16 3.52
C THR A 223 -15.22 20.70 3.65
N ALA A 224 -14.89 21.40 2.56
CA ALA A 224 -14.54 22.85 2.56
C ALA A 224 -15.73 23.69 3.04
N GLU A 225 -16.93 23.43 2.49
CA GLU A 225 -18.20 24.07 2.92
C GLU A 225 -18.44 23.86 4.42
N VAL A 226 -18.27 22.63 4.89
CA VAL A 226 -18.42 22.20 6.31
C VAL A 226 -17.46 23.06 7.17
N ARG A 227 -16.19 23.22 6.76
CA ARG A 227 -15.20 24.02 7.54
C ARG A 227 -15.69 25.47 7.62
N ARG A 228 -16.13 26.03 6.49
CA ARG A 228 -16.66 27.41 6.33
C ARG A 228 -17.91 27.58 7.21
N LEU A 229 -18.83 26.61 7.20
CA LEU A 229 -19.99 26.55 8.11
C LEU A 229 -19.49 26.65 9.56
N LEU A 230 -18.55 25.80 9.95
CA LEU A 230 -18.13 25.76 11.38
C LEU A 230 -17.36 27.06 11.75
N ASP A 231 -16.66 27.69 10.79
CA ASP A 231 -16.00 29.02 10.96
C ASP A 231 -17.02 30.04 11.48
N ASP A 232 -18.26 30.10 10.96
CA ASP A 232 -19.30 31.07 11.42
C ASP A 232 -19.69 30.78 12.87
N TRP A 233 -20.03 29.52 13.16
CA TRP A 233 -20.50 28.99 14.47
C TRP A 233 -19.43 29.19 15.54
N GLU A 234 -18.13 29.22 15.20
CA GLU A 234 -17.02 29.58 16.15
C GLU A 234 -17.26 30.98 16.73
N LYS A 235 -17.70 31.92 15.90
CA LYS A 235 -17.91 33.35 16.31
C LYS A 235 -19.11 33.42 17.23
N ARG A 236 -20.21 32.80 16.82
CA ARG A 236 -21.49 32.67 17.57
C ARG A 236 -21.24 31.90 18.88
N ARG A 237 -20.46 30.83 18.88
CA ARG A 237 -20.21 30.03 20.12
C ARG A 237 -19.15 30.71 20.98
N GLY A 238 -18.27 31.51 20.37
CA GLY A 238 -17.08 32.10 21.02
C GLY A 238 -16.06 31.05 21.46
N HIS A 239 -15.91 29.98 20.70
CA HIS A 239 -14.76 29.05 20.84
C HIS A 239 -14.45 28.40 19.48
N LYS A 240 -13.30 27.75 19.41
CA LYS A 240 -12.84 26.94 18.24
C LYS A 240 -13.78 25.73 18.09
N ILE A 241 -14.26 25.48 16.87
CA ILE A 241 -14.95 24.21 16.51
C ILE A 241 -14.01 23.40 15.59
N HIS A 242 -13.59 22.20 16.04
CA HIS A 242 -12.70 21.28 15.31
C HIS A 242 -13.51 20.52 14.27
N LEU A 243 -12.89 20.23 13.13
CA LEU A 243 -13.47 19.34 12.10
C LEU A 243 -12.55 18.15 11.84
N GLY A 244 -13.13 16.95 11.83
CA GLY A 244 -12.41 15.69 11.57
C GLY A 244 -13.25 14.69 10.78
N ALA A 245 -12.61 13.57 10.42
CA ALA A 245 -13.14 12.57 9.47
C ALA A 245 -12.55 11.18 9.74
N ARG A 246 -13.32 10.17 9.43
CA ARG A 246 -12.90 8.75 9.52
C ARG A 246 -12.63 8.34 8.07
N ILE A 247 -11.43 7.86 7.78
CA ILE A 247 -11.00 7.49 6.43
C ILE A 247 -10.34 6.10 6.48
N PRO A 248 -10.17 5.42 5.34
CA PRO A 248 -9.51 4.10 5.39
C PRO A 248 -8.04 4.17 5.88
N SER A 249 -7.51 2.96 6.10
CA SER A 249 -6.30 2.66 6.90
C SER A 249 -5.05 2.92 6.03
N ARG A 250 -5.16 2.87 4.70
CA ARG A 250 -4.02 3.01 3.77
C ARG A 250 -4.31 4.21 2.88
N PRO A 251 -3.35 5.12 2.61
CA PRO A 251 -3.54 6.22 1.65
C PRO A 251 -4.09 5.84 0.26
N ALA A 252 -3.48 4.86 -0.44
CA ALA A 252 -3.99 4.37 -1.73
C ALA A 252 -5.47 3.95 -1.62
N THR A 253 -5.96 3.25 -0.56
CA THR A 253 -7.39 2.83 -0.45
C THR A 253 -8.25 4.09 -0.19
N ALA A 254 -7.86 4.89 0.80
CA ALA A 254 -8.51 6.21 1.06
C ALA A 254 -8.69 7.03 -0.24
N LEU A 255 -7.65 7.21 -1.04
CA LEU A 255 -7.75 8.09 -2.24
C LEU A 255 -8.58 7.37 -3.31
N GLY A 256 -8.50 6.05 -3.40
CA GLY A 256 -9.26 5.26 -4.38
C GLY A 256 -10.74 5.15 -4.05
N LEU A 257 -11.17 5.58 -2.85
CA LEU A 257 -12.60 5.71 -2.42
C LEU A 257 -13.00 7.20 -2.32
N GLY A 258 -12.22 8.09 -2.95
CA GLY A 258 -12.42 9.55 -3.19
C GLY A 258 -12.18 10.37 -1.95
N MET A 259 -11.35 9.91 -1.03
CA MET A 259 -10.97 10.64 0.22
C MET A 259 -9.48 11.00 0.18
N ASP A 260 -9.16 12.21 -0.30
CA ASP A 260 -7.81 12.81 -0.33
C ASP A 260 -7.56 13.61 0.95
N ALA A 261 -7.38 12.92 2.06
CA ALA A 261 -7.22 13.48 3.41
C ALA A 261 -5.99 14.40 3.44
N VAL A 262 -4.93 14.07 2.68
CA VAL A 262 -3.73 14.94 2.60
C VAL A 262 -4.15 16.33 2.14
N THR A 263 -4.93 16.47 1.07
CA THR A 263 -5.39 17.77 0.52
C THR A 263 -6.26 18.50 1.56
N TRP A 264 -7.12 17.75 2.27
CA TRP A 264 -7.97 18.29 3.36
C TRP A 264 -7.05 18.85 4.45
N ALA A 265 -6.03 18.07 4.86
CA ALA A 265 -5.06 18.43 5.93
C ALA A 265 -4.24 19.65 5.52
N ARG A 266 -3.74 19.68 4.27
CA ARG A 266 -2.86 20.79 3.81
CA ARG A 266 -2.86 20.78 3.79
C ARG A 266 -3.67 22.07 3.77
N ARG A 267 -4.93 22.02 3.33
CA ARG A 267 -5.75 23.26 3.16
C ARG A 267 -6.46 23.66 4.46
N GLY A 268 -6.08 23.05 5.58
CA GLY A 268 -6.64 23.36 6.90
C GLY A 268 -8.15 23.20 6.98
N LEU A 269 -8.71 22.22 6.28
CA LEU A 269 -10.17 21.93 6.31
C LEU A 269 -10.50 21.07 7.52
N VAL A 270 -9.61 20.15 7.87
CA VAL A 270 -9.81 19.18 8.98
C VAL A 270 -8.64 19.38 9.93
N ASP A 271 -8.78 19.01 11.22
CA ASP A 271 -7.63 19.02 12.16
C ASP A 271 -7.48 17.67 12.86
N MET A 272 -8.29 16.67 12.50
CA MET A 272 -8.15 15.30 13.03
C MET A 272 -8.54 14.28 11.94
N LEU A 273 -7.77 13.21 11.85
CA LEU A 273 -8.06 12.18 10.85
C LEU A 273 -8.02 10.85 11.58
N VAL A 274 -9.08 10.08 11.42
CA VAL A 274 -9.14 8.76 12.06
C VAL A 274 -8.91 7.77 10.96
N ILE A 275 -7.82 7.05 11.03
CA ILE A 275 -7.55 5.99 10.02
C ILE A 275 -8.15 4.75 10.63
N THR A 276 -9.00 4.07 9.90
CA THR A 276 -9.72 2.96 10.54
C THR A 276 -10.11 1.91 9.50
N PRO A 277 -10.22 0.65 9.96
CA PRO A 277 -10.96 -0.39 9.26
C PRO A 277 -12.45 -0.01 9.27
N PHE A 278 -13.24 -0.70 8.45
CA PHE A 278 -14.73 -0.66 8.43
C PHE A 278 -15.31 -1.32 9.69
N TRP A 279 -15.10 -2.64 9.86
CA TRP A 279 -15.85 -3.43 10.87
C TRP A 279 -15.31 -4.85 11.12
N ALA A 280 -15.04 -5.57 10.04
CA ALA A 280 -14.87 -7.04 9.99
C ALA A 280 -13.70 -7.46 10.91
N SER A 281 -12.78 -6.55 11.23
CA SER A 281 -11.69 -6.70 12.24
C SER A 281 -10.99 -5.36 12.49
N ALA A 282 -10.52 -5.13 13.70
CA ALA A 282 -9.44 -4.17 14.02
C ALA A 282 -8.26 -4.49 13.11
N GLU A 283 -7.51 -3.47 12.72
CA GLU A 283 -6.17 -3.64 12.11
C GLU A 283 -5.16 -3.32 13.21
N THR A 284 -4.32 -4.30 13.48
CA THR A 284 -3.28 -4.23 14.54
C THR A 284 -2.04 -3.61 13.88
N ASP A 285 -2.08 -3.55 12.55
CA ASP A 285 -1.00 -3.03 11.68
C ASP A 285 -1.53 -2.01 10.69
N MET A 286 -1.31 -0.73 10.93
CA MET A 286 -1.67 0.32 9.93
C MET A 286 -0.46 1.21 9.75
N PRO A 287 -0.21 1.71 8.53
CA PRO A 287 1.04 2.43 8.24
C PRO A 287 0.94 3.85 8.85
N VAL A 288 0.94 3.92 10.18
CA VAL A 288 0.86 5.21 10.91
C VAL A 288 2.03 6.08 10.43
N GLU A 289 3.26 5.55 10.30
CA GLU A 289 4.49 6.34 10.07
C GLU A 289 4.39 7.11 8.74
N ILE A 290 3.91 6.48 7.70
CA ILE A 290 3.62 7.08 6.37
C ILE A 290 2.60 8.25 6.48
N TRP A 291 1.47 8.00 7.19
CA TRP A 291 0.41 9.01 7.41
C TRP A 291 1.02 10.24 8.12
N ARG A 292 1.86 10.04 9.13
CA ARG A 292 2.51 11.15 9.87
C ARG A 292 3.39 11.93 8.87
N GLN A 293 4.15 11.25 7.98
CA GLN A 293 4.99 11.96 6.97
C GLN A 293 4.09 12.74 6.01
N LEU A 294 3.03 12.09 5.45
CA LEU A 294 2.05 12.78 4.55
C LEU A 294 1.42 14.02 5.24
N LEU A 295 1.26 13.98 6.57
CA LEU A 295 0.51 15.04 7.32
C LEU A 295 1.46 16.04 8.00
N GLU A 296 2.76 15.76 8.00
CA GLU A 296 3.82 16.67 8.48
C GLU A 296 3.45 18.14 8.17
N GLY A 297 3.57 19.03 9.18
CA GLY A 297 3.36 20.49 9.06
C GLY A 297 1.89 20.89 8.91
N THR A 298 0.91 19.98 9.06
CA THR A 298 -0.53 20.35 8.89
C THR A 298 -1.18 20.62 10.25
N GLY A 299 -0.63 20.08 11.36
CA GLY A 299 -1.15 20.12 12.74
C GLY A 299 -2.36 19.22 12.95
N VAL A 300 -2.63 18.33 12.01
CA VAL A 300 -3.76 17.37 12.11
C VAL A 300 -3.41 16.28 13.15
N THR A 301 -4.27 16.08 14.13
CA THR A 301 -4.11 14.99 15.11
C THR A 301 -4.50 13.70 14.39
N LEU A 302 -3.54 12.80 14.17
CA LEU A 302 -3.81 11.49 13.50
C LEU A 302 -4.22 10.49 14.56
N ALA A 303 -5.41 9.92 14.44
CA ALA A 303 -5.93 8.94 15.41
C ALA A 303 -5.96 7.60 14.69
N ALA A 304 -5.42 6.56 15.33
CA ALA A 304 -5.51 5.17 14.81
C ALA A 304 -6.83 4.58 15.31
N GLY A 305 -7.73 4.21 14.39
CA GLY A 305 -9.05 3.62 14.70
C GLY A 305 -8.94 2.14 15.03
N LEU A 306 -9.42 1.68 16.19
CA LEU A 306 -9.62 0.22 16.40
C LEU A 306 -11.10 -0.13 16.26
N GLU A 307 -11.39 -1.36 15.86
CA GLU A 307 -12.77 -1.94 15.84
C GLU A 307 -12.82 -3.04 16.92
N VAL A 308 -14.02 -3.51 17.30
CA VAL A 308 -14.12 -4.36 18.48
C VAL A 308 -13.74 -5.81 18.13
N LEU A 309 -14.14 -6.30 16.95
CA LEU A 309 -13.86 -7.67 16.41
C LEU A 309 -12.36 -7.82 16.18
N LEU A 310 -11.83 -8.99 16.43
CA LEU A 310 -10.44 -9.38 16.05
C LEU A 310 -10.53 -10.74 15.34
N ARG A 311 -10.33 -10.73 14.03
CA ARG A 311 -10.50 -11.92 13.18
C ARG A 311 -9.26 -12.05 12.31
N PRO A 312 -8.75 -13.30 12.09
CA PRO A 312 -7.48 -13.49 11.41
C PRO A 312 -7.57 -13.31 9.90
N TYR A 313 -8.69 -13.64 9.27
CA TYR A 313 -8.89 -13.45 7.81
C TYR A 313 -10.38 -13.24 7.49
N PRO A 314 -10.72 -12.66 6.31
CA PRO A 314 -12.10 -12.33 5.94
C PRO A 314 -13.14 -13.45 6.05
N ASP A 315 -12.77 -14.65 5.62
CA ASP A 315 -13.69 -15.82 5.57
C ASP A 315 -13.69 -16.57 6.90
N SER A 316 -13.04 -16.05 7.93
CA SER A 316 -12.99 -16.78 9.21
C SER A 316 -14.42 -16.84 9.77
N PRO A 317 -14.92 -18.02 10.23
CA PRO A 317 -16.20 -18.10 10.96
C PRO A 317 -16.11 -17.66 12.43
N LEU A 318 -14.93 -17.25 12.91
CA LEU A 318 -14.73 -16.75 14.29
C LEU A 318 -15.17 -15.29 14.31
N PHE A 319 -15.92 -14.89 15.33
CA PHE A 319 -16.45 -13.52 15.51
C PHE A 319 -16.32 -13.23 17.01
N GLN A 320 -15.09 -13.21 17.46
CA GLN A 320 -14.79 -12.89 18.87
C GLN A 320 -14.26 -11.46 18.82
N THR A 321 -14.41 -10.75 19.92
CA THR A 321 -13.96 -9.37 20.09
C THR A 321 -12.52 -9.34 20.62
N ASN A 322 -11.90 -8.17 20.48
CA ASN A 322 -10.70 -7.82 21.26
C ASN A 322 -10.91 -8.09 22.77
N SER A 323 -9.82 -8.38 23.44
CA SER A 323 -9.71 -8.47 24.91
C SER A 323 -8.85 -7.29 25.37
N LEU A 324 -8.83 -7.01 26.67
CA LEU A 324 -7.82 -6.09 27.24
C LEU A 324 -6.41 -6.38 26.64
N GLU A 325 -5.95 -7.62 26.62
CA GLU A 325 -4.53 -7.92 26.23
C GLU A 325 -4.31 -7.50 24.76
N THR A 326 -5.26 -7.81 23.87
CA THR A 326 -5.07 -7.54 22.42
C THR A 326 -5.28 -6.03 22.14
N VAL A 327 -6.14 -5.31 22.87
CA VAL A 327 -6.21 -3.83 22.67
C VAL A 327 -4.92 -3.20 23.22
N ARG A 328 -4.39 -3.67 24.37
CA ARG A 328 -3.05 -3.25 24.84
C ARG A 328 -2.01 -3.44 23.73
N GLY A 329 -1.97 -4.64 23.13
CA GLY A 329 -1.11 -4.94 21.99
C GLY A 329 -1.24 -3.90 20.88
N ALA A 330 -2.44 -3.71 20.30
CA ALA A 330 -2.66 -2.83 19.12
C ALA A 330 -2.33 -1.39 19.50
N ALA A 331 -2.78 -0.98 20.70
CA ALA A 331 -2.52 0.37 21.26
C ALA A 331 -1.01 0.57 21.36
N ALA A 332 -0.30 -0.37 21.97
CA ALA A 332 1.17 -0.22 22.19
C ALA A 332 1.82 -0.05 20.81
N SER A 333 1.35 -0.80 19.83
CA SER A 333 1.95 -0.78 18.45
C SER A 333 1.72 0.59 17.83
N LEU A 334 0.46 1.03 17.81
CA LEU A 334 0.03 2.21 17.01
C LEU A 334 0.60 3.49 17.64
N LEU A 335 0.66 3.60 18.96
CA LEU A 335 1.35 4.75 19.63
C LEU A 335 2.86 4.72 19.30
N ASP A 336 3.50 3.55 19.37
CA ASP A 336 4.96 3.45 19.11
C ASP A 336 5.30 4.03 17.73
N ARG A 337 4.38 3.90 16.77
CA ARG A 337 4.57 4.27 15.34
C ARG A 337 4.10 5.69 15.09
N GLY A 338 3.64 6.40 16.12
CA GLY A 338 3.33 7.84 16.01
C GLY A 338 1.84 8.19 16.13
N ALA A 339 0.92 7.29 16.50
CA ALA A 339 -0.52 7.60 16.76
C ALA A 339 -0.61 8.67 17.85
N GLN A 340 -1.22 9.82 17.50
CA GLN A 340 -1.40 10.94 18.46
C GLN A 340 -2.70 10.78 19.24
N ARG A 341 -3.48 9.70 18.99
CA ARG A 341 -4.69 9.29 19.75
C ARG A 341 -5.04 7.83 19.38
N ILE A 342 -5.55 7.03 20.31
CA ILE A 342 -6.24 5.76 19.97
C ILE A 342 -7.74 6.04 20.00
N TYR A 343 -8.43 5.66 18.92
CA TYR A 343 -9.86 5.92 18.65
C TYR A 343 -10.59 4.58 18.69
N LEU A 344 -11.63 4.44 19.52
CA LEU A 344 -12.27 3.14 19.78
C LEU A 344 -13.65 3.24 19.18
N PHE A 345 -13.97 2.40 18.19
CA PHE A 345 -15.28 2.33 17.52
C PHE A 345 -15.82 0.96 17.94
N ASN A 346 -17.05 0.98 18.46
CA ASN A 346 -17.78 -0.26 18.83
C ASN A 346 -17.25 -0.76 20.16
N TYR A 347 -16.66 0.10 20.99
CA TYR A 347 -16.26 -0.29 22.38
C TYR A 347 -17.14 0.43 23.40
N MET A 348 -18.41 0.07 23.43
CA MET A 348 -19.47 0.77 24.23
C MET A 348 -19.62 0.04 25.56
N ASP A 349 -20.51 0.48 26.47
CA ASP A 349 -20.55 -0.02 27.88
C ASP A 349 -21.36 -1.32 27.99
N SER A 350 -21.87 -1.81 26.86
CA SER A 350 -22.74 -3.01 26.82
C SER A 350 -23.22 -3.31 25.38
N GLN A 351 -23.59 -4.58 25.20
CA GLN A 351 -24.14 -5.19 23.96
C GLN A 351 -23.08 -5.17 22.86
N THR A 352 -22.79 -3.99 22.28
CA THR A 352 -21.66 -3.79 21.33
C THR A 352 -20.42 -3.33 22.08
N ALA A 353 -19.56 -4.27 22.41
CA ALA A 353 -18.62 -4.13 23.52
C ALA A 353 -17.57 -5.26 23.50
N MET A 354 -16.48 -5.03 24.21
CA MET A 354 -15.47 -6.08 24.47
C MET A 354 -16.16 -7.19 25.29
N GLU A 355 -15.89 -8.44 24.97
CA GLU A 355 -16.47 -9.64 25.62
C GLU A 355 -16.01 -9.72 27.06
N ASP A 356 -14.76 -9.33 27.35
CA ASP A 356 -14.20 -9.21 28.74
C ASP A 356 -14.52 -7.80 29.30
N LEU A 357 -15.81 -7.54 29.48
CA LEU A 357 -16.35 -6.19 29.83
C LEU A 357 -15.93 -5.73 31.23
N GLU A 358 -15.72 -6.67 32.17
CA GLU A 358 -15.15 -6.36 33.51
C GLU A 358 -13.82 -5.58 33.37
N ASN A 359 -13.10 -5.71 32.24
CA ASN A 359 -11.78 -5.07 32.01
C ASN A 359 -11.92 -3.71 31.33
N TYR A 360 -13.14 -3.25 31.02
CA TYR A 360 -13.40 -1.98 30.28
C TYR A 360 -12.91 -0.78 31.09
N PRO A 361 -13.21 -0.65 32.40
CA PRO A 361 -12.62 0.42 33.21
C PRO A 361 -11.07 0.43 33.12
N THR A 362 -10.47 -0.76 33.15
CA THR A 362 -8.99 -0.95 33.07
C THR A 362 -8.49 -0.37 31.75
N LEU A 363 -9.14 -0.76 30.63
CA LEU A 363 -8.82 -0.41 29.21
C LEU A 363 -8.77 1.12 29.06
N LEU A 364 -9.76 1.81 29.60
CA LEU A 364 -9.97 3.27 29.42
C LEU A 364 -8.90 4.06 30.18
N ARG A 365 -8.29 3.42 31.18
CA ARG A 365 -7.21 4.04 32.00
C ARG A 365 -5.81 3.59 31.52
N GLU A 366 -5.69 2.75 30.49
CA GLU A 366 -4.34 2.23 30.11
C GLU A 366 -3.96 2.45 28.63
N ILE A 367 -4.87 2.28 27.67
CA ILE A 367 -4.48 2.15 26.22
C ILE A 367 -4.16 3.50 25.57
N GLY A 368 -4.21 4.63 26.28
CA GLY A 368 -3.92 5.96 25.67
C GLY A 368 -2.52 6.45 25.98
N SER A 369 -1.68 5.60 26.59
CA SER A 369 -0.27 5.96 26.87
C SER A 369 0.65 4.74 26.91
N LEU A 370 1.80 4.86 26.27
CA LEU A 370 2.89 3.86 26.37
C LEU A 370 3.25 3.60 27.86
N GLU A 371 3.40 4.66 28.68
CA GLU A 371 3.65 4.58 30.14
C GLU A 371 2.66 3.67 30.90
N THR A 372 1.35 3.74 30.60
CA THR A 372 0.31 2.99 31.37
C THR A 372 0.21 1.55 30.83
N LEU A 373 0.67 1.34 29.57
CA LEU A 373 0.74 0.01 28.90
C LEU A 373 2.04 -0.72 29.32
N ALA A 374 3.06 0.05 29.72
CA ALA A 374 4.45 -0.45 29.94
C ALA A 374 4.43 -1.50 31.05
N GLY A 375 5.03 -2.67 30.82
CA GLY A 375 5.20 -3.69 31.88
C GLY A 375 3.94 -4.50 32.15
N LYS A 376 2.96 -4.42 31.25
CA LYS A 376 1.67 -5.13 31.35
C LYS A 376 1.61 -6.15 30.20
N PRO A 377 1.03 -7.37 30.38
CA PRO A 377 0.81 -8.30 29.28
C PRO A 377 -0.11 -7.84 28.14
N ARG A 378 0.37 -8.13 26.94
CA ARG A 378 -0.13 -7.62 25.65
C ARG A 378 -0.08 -8.75 24.64
N ARG A 379 -0.97 -8.69 23.64
CA ARG A 379 -1.03 -9.70 22.56
C ARG A 379 -1.10 -8.95 21.22
N HIS A 380 -0.15 -9.24 20.30
CA HIS A 380 -0.02 -8.59 18.98
C HIS A 380 -0.44 -9.62 17.93
N VAL A 381 -1.67 -9.55 17.46
CA VAL A 381 -2.31 -10.63 16.65
C VAL A 381 -2.29 -10.16 15.20
N LEU A 382 -1.97 -11.08 14.30
CA LEU A 382 -1.96 -10.84 12.84
C LEU A 382 -3.41 -10.84 12.31
N THR A 383 -3.86 -9.74 11.72
CA THR A 383 -5.19 -9.64 11.07
C THR A 383 -4.98 -9.06 9.65
N PHE A 384 -5.93 -8.29 9.20
CA PHE A 384 -6.12 -7.93 7.78
C PHE A 384 -6.90 -6.61 7.71
N ALA A 385 -6.75 -5.99 6.56
CA ALA A 385 -7.52 -4.84 6.10
C ALA A 385 -8.77 -5.31 5.38
N ASP A 386 -9.97 -4.92 5.93
CA ASP A 386 -11.31 -5.33 5.40
C ASP A 386 -11.71 -4.46 4.20
N THR A 387 -11.07 -3.31 3.97
CA THR A 387 -11.55 -2.31 2.99
C THR A 387 -10.48 -1.96 1.96
N TRP A 388 -10.87 -2.10 0.72
CA TRP A 388 -10.02 -1.96 -0.52
C TRP A 388 -10.84 -1.17 -1.54
N ALA A 389 -10.18 -0.34 -2.38
CA ALA A 389 -10.90 0.50 -3.38
C ALA A 389 -11.34 -0.42 -4.50
N PRO A 390 -12.44 -0.09 -5.23
CA PRO A 390 -12.96 -1.00 -6.24
C PRO A 390 -11.83 -1.37 -7.21
N GLY A 391 -11.63 -2.68 -7.35
CA GLY A 391 -10.65 -3.37 -8.21
C GLY A 391 -9.21 -3.23 -7.70
N GLU A 392 -9.02 -2.65 -6.51
CA GLU A 392 -7.70 -2.49 -5.86
C GLU A 392 -7.25 -3.87 -5.43
N PRO A 393 -6.08 -4.35 -5.90
CA PRO A 393 -5.58 -5.66 -5.47
C PRO A 393 -5.50 -5.72 -3.94
N ARG A 394 -5.95 -6.82 -3.35
CA ARG A 394 -6.03 -7.00 -1.87
C ARG A 394 -4.85 -7.83 -1.33
N ALA A 395 -4.22 -7.34 -0.25
CA ALA A 395 -3.09 -8.01 0.44
C ALA A 395 -3.62 -8.57 1.76
N ILE A 396 -3.80 -9.89 1.88
CA ILE A 396 -4.41 -10.59 3.04
C ILE A 396 -3.49 -11.71 3.52
N PRO A 397 -2.75 -11.55 4.66
CA PRO A 397 -1.71 -12.51 5.06
C PRO A 397 -2.17 -13.94 5.35
N LEU A 398 -3.33 -14.08 6.02
CA LEU A 398 -3.81 -15.42 6.44
C LEU A 398 -5.02 -15.81 5.62
N PRO A 399 -5.29 -17.14 5.48
CA PRO A 399 -4.37 -18.16 5.97
C PRO A 399 -3.18 -18.29 4.98
N ALA A 400 -2.14 -18.99 5.41
CA ALA A 400 -0.88 -19.14 4.65
C ALA A 400 -0.41 -20.60 4.72
N THR A 401 -0.29 -21.21 3.55
CA THR A 401 0.18 -22.59 3.37
C THR A 401 1.70 -22.54 3.17
N CYS A 402 2.41 -23.42 3.87
CA CYS A 402 3.89 -23.63 3.78
C CYS A 402 4.06 -25.08 3.39
N ARG A 403 4.70 -25.34 2.25
CA ARG A 403 4.96 -26.69 1.72
C ARG A 403 6.24 -27.22 2.36
N PRO A 404 6.48 -28.56 2.37
CA PRO A 404 7.67 -29.11 3.01
C PRO A 404 8.90 -28.45 2.38
N GLY A 405 9.78 -27.87 3.21
CA GLY A 405 11.05 -27.25 2.74
C GLY A 405 10.90 -25.79 2.39
N GLU A 406 9.68 -25.27 2.25
CA GLU A 406 9.34 -23.86 1.88
C GLU A 406 9.52 -23.00 3.14
N TRP A 407 9.78 -21.70 2.95
CA TRP A 407 9.76 -20.68 4.04
C TRP A 407 8.58 -19.70 3.83
N ARG A 408 7.88 -19.37 4.90
CA ARG A 408 6.83 -18.34 4.94
C ARG A 408 7.26 -17.33 6.00
N ALA A 409 7.07 -16.04 5.76
CA ALA A 409 7.40 -14.96 6.70
C ALA A 409 6.14 -14.17 7.08
N PHE A 410 6.04 -13.75 8.34
CA PHE A 410 4.91 -12.93 8.84
C PHE A 410 5.48 -11.75 9.67
N ARG A 411 5.20 -10.51 9.27
CA ARG A 411 5.66 -9.33 10.04
C ARG A 411 4.51 -8.86 10.92
N LEU A 412 4.77 -8.77 12.22
CA LEU A 412 3.75 -8.37 13.22
C LEU A 412 4.34 -7.17 13.94
N HIS A 413 3.60 -6.08 14.06
CA HIS A 413 4.10 -4.83 14.68
C HIS A 413 3.87 -4.91 16.20
N THR A 414 4.95 -4.91 17.00
CA THR A 414 4.91 -5.18 18.47
C THR A 414 5.42 -3.96 19.22
N GLY A 415 5.46 -2.82 18.53
CA GLY A 415 5.73 -1.51 19.14
C GLY A 415 7.01 -1.47 19.98
N PRO A 416 6.97 -0.97 21.24
CA PRO A 416 8.19 -0.79 22.02
C PRO A 416 8.88 -2.11 22.38
N LYS A 417 10.23 -2.09 22.41
CA LYS A 417 11.05 -3.26 22.83
C LYS A 417 10.39 -3.86 24.06
N PRO A 418 10.31 -5.20 24.21
CA PRO A 418 9.85 -5.81 25.45
C PRO A 418 10.73 -5.55 26.68
N GLU A 419 10.07 -5.48 27.85
CA GLU A 419 10.70 -5.39 29.19
C GLU A 419 11.10 -6.81 29.58
N PRO A 420 12.04 -7.02 30.53
CA PRO A 420 12.36 -8.38 30.96
C PRO A 420 11.03 -9.16 31.17
N GLY A 421 11.02 -10.46 30.78
CA GLY A 421 9.87 -11.36 30.94
C GLY A 421 9.89 -12.48 29.90
N GLU A 422 8.77 -12.71 29.22
CA GLU A 422 8.59 -13.84 28.26
C GLU A 422 7.97 -13.30 26.96
N VAL A 423 8.51 -13.72 25.83
CA VAL A 423 7.98 -13.36 24.50
C VAL A 423 7.71 -14.70 23.79
N ILE A 424 6.46 -15.00 23.45
CA ILE A 424 6.00 -16.18 22.65
C ILE A 424 5.61 -15.68 21.25
N ALA A 425 6.21 -16.21 20.20
CA ALA A 425 5.61 -16.25 18.85
C ALA A 425 4.62 -17.40 18.85
N ALA A 426 3.28 -17.18 18.71
CA ALA A 426 2.31 -18.29 18.78
C ALA A 426 1.64 -18.45 17.42
N LEU A 427 1.59 -19.66 16.85
CA LEU A 427 1.11 -19.92 15.47
C LEU A 427 0.02 -20.98 15.53
N GLY A 428 -1.14 -20.66 14.97
CA GLY A 428 -2.26 -21.61 14.88
C GLY A 428 -2.22 -22.33 13.56
N ILE A 429 -2.49 -23.62 13.57
CA ILE A 429 -2.39 -24.51 12.38
C ILE A 429 -3.75 -25.10 12.10
N GLU A 430 -4.32 -24.91 10.90
CA GLU A 430 -5.68 -25.41 10.55
C GLU A 430 -5.61 -26.82 9.94
N GLY A 431 -6.77 -27.40 9.70
CA GLY A 431 -6.96 -28.64 8.94
C GLY A 431 -6.79 -29.88 9.81
N GLY A 432 -6.90 -29.72 11.13
CA GLY A 432 -6.66 -30.76 12.13
C GLY A 432 -5.17 -31.02 12.26
N ALA A 434 -1.58 -30.96 14.78
CA ALA A 434 -1.09 -32.30 14.38
C ALA A 434 0.42 -32.27 14.10
N ILE A 435 1.22 -31.50 14.85
CA ILE A 435 2.68 -31.43 14.59
C ILE A 435 3.47 -31.97 15.78
N GLY A 436 4.75 -32.22 15.54
CA GLY A 436 5.77 -32.46 16.58
C GLY A 436 6.57 -31.21 16.91
N PRO A 437 7.52 -31.32 17.86
CA PRO A 437 8.41 -30.21 18.22
C PRO A 437 9.40 -29.77 17.12
N GLU A 438 9.64 -30.63 16.11
CA GLU A 438 10.62 -30.35 15.03
C GLU A 438 9.93 -30.26 13.65
N THR A 439 8.60 -30.07 13.61
CA THR A 439 7.85 -29.91 12.34
C THR A 439 8.09 -28.51 11.79
N LEU A 440 8.17 -27.52 12.69
CA LEU A 440 8.41 -26.11 12.33
C LEU A 440 9.76 -25.68 12.85
N GLU A 441 10.55 -25.08 11.98
CA GLU A 441 11.74 -24.31 12.42
C GLU A 441 11.23 -22.89 12.49
N VAL A 442 11.34 -22.26 13.65
CA VAL A 442 10.73 -20.91 13.83
C VAL A 442 11.86 -19.96 14.19
N ARG A 443 11.92 -18.86 13.46
CA ARG A 443 12.92 -17.81 13.80
C ARG A 443 12.21 -16.48 13.94
N VAL A 444 12.73 -15.64 14.84
CA VAL A 444 12.32 -14.22 14.94
C VAL A 444 13.56 -13.36 14.69
N ASN A 445 13.53 -12.55 13.61
CA ASN A 445 14.68 -11.72 13.16
C ASN A 445 15.94 -12.60 13.08
N GLY A 446 15.79 -13.81 12.56
CA GLY A 446 16.90 -14.75 12.35
C GLY A 446 17.13 -15.71 13.51
N GLU A 447 16.61 -15.46 14.72
CA GLU A 447 17.02 -16.27 15.91
C GLU A 447 16.11 -17.51 16.05
N LEU A 448 16.70 -18.67 16.26
CA LEU A 448 16.01 -19.94 16.57
C LEU A 448 15.16 -19.76 17.83
N CYS A 449 13.87 -20.08 17.75
CA CYS A 449 12.93 -19.99 18.89
C CYS A 449 12.71 -21.41 19.44
N ALA A 450 12.85 -21.59 20.74
CA ALA A 450 12.64 -22.90 21.39
C ALA A 450 11.15 -23.26 21.27
N PHE A 451 10.83 -24.52 20.99
CA PHE A 451 9.45 -25.05 21.00
C PHE A 451 8.92 -25.06 22.45
N LEU A 452 7.81 -24.36 22.68
CA LEU A 452 7.18 -24.28 24.02
C LEU A 452 6.16 -25.41 24.17
N GLY A 453 5.37 -25.67 23.14
CA GLY A 453 4.19 -26.58 23.17
C GLY A 453 2.89 -25.83 22.91
N LEU A 454 1.75 -26.47 23.14
CA LEU A 454 0.41 -25.83 23.03
C LEU A 454 0.30 -24.68 24.04
N VAL A 455 -0.14 -23.53 23.57
CA VAL A 455 -0.53 -22.36 24.39
C VAL A 455 -2.06 -22.38 24.48
N ASP A 456 -2.58 -22.33 25.70
CA ASP A 456 -4.01 -22.09 26.01
C ASP A 456 -4.21 -20.57 26.01
N LEU A 457 -4.52 -20.02 24.83
CA LEU A 457 -4.93 -18.62 24.63
C LEU A 457 -6.26 -18.39 25.32
N SER A 458 -6.36 -17.24 26.00
CA SER A 458 -7.64 -16.61 26.39
C SER A 458 -8.31 -16.05 25.13
N LYS A 459 -9.63 -15.80 25.18
CA LYS A 459 -10.33 -15.14 24.05
C LYS A 459 -9.67 -13.78 23.84
N PRO A 460 -9.54 -13.26 22.59
CA PRO A 460 -9.93 -13.96 21.36
C PRO A 460 -8.92 -15.07 21.05
N ARG A 461 -9.43 -16.22 20.62
CA ARG A 461 -8.58 -17.38 20.26
C ARG A 461 -9.21 -18.13 19.11
N PRO A 462 -8.35 -18.70 18.24
CA PRO A 462 -8.81 -19.62 17.21
C PRO A 462 -9.34 -20.91 17.82
N ASP A 463 -10.10 -21.64 17.01
CA ASP A 463 -10.68 -22.98 17.31
C ASP A 463 -9.84 -24.07 16.63
N PHE A 464 -8.53 -23.96 16.71
CA PHE A 464 -7.57 -24.96 16.17
C PHE A 464 -6.33 -24.84 17.04
N PRO A 465 -5.46 -25.87 17.09
CA PRO A 465 -4.32 -25.85 18.00
C PRO A 465 -3.44 -24.61 17.77
N VAL A 466 -2.99 -23.98 18.87
CA VAL A 466 -2.02 -22.85 18.82
C VAL A 466 -0.72 -23.31 19.47
N TYR A 467 0.38 -23.24 18.71
CA TYR A 467 1.74 -23.71 19.15
C TYR A 467 2.62 -22.51 19.51
N GLY A 468 3.22 -22.58 20.69
CA GLY A 468 4.04 -21.48 21.25
C GLY A 468 5.51 -21.71 20.93
N PHE A 469 6.24 -20.62 20.71
CA PHE A 469 7.69 -20.63 20.43
C PHE A 469 8.33 -19.52 21.24
N SER A 470 9.18 -19.94 22.18
CA SER A 470 9.92 -19.03 23.08
C SER A 470 10.92 -18.26 22.23
N VAL A 471 10.86 -16.94 22.26
CA VAL A 471 11.70 -15.99 21.48
C VAL A 471 12.79 -15.45 22.38
N PRO A 472 14.10 -15.58 22.03
CA PRO A 472 15.17 -14.99 22.83
C PRO A 472 14.82 -13.49 22.96
N LEU A 473 14.89 -12.95 24.19
CA LEU A 473 14.34 -11.59 24.46
C LEU A 473 15.03 -10.57 23.55
N ALA A 474 16.35 -10.72 23.38
CA ALA A 474 17.25 -9.70 22.76
C ALA A 474 17.03 -9.67 21.24
N ALA A 475 16.44 -10.72 20.67
CA ALA A 475 15.96 -10.80 19.28
C ALA A 475 14.97 -9.68 18.97
N MET A 476 14.12 -9.35 19.95
CA MET A 476 12.91 -8.53 19.70
C MET A 476 13.38 -7.10 19.47
N ARG A 477 12.90 -6.49 18.39
CA ARG A 477 13.18 -5.09 18.00
C ARG A 477 11.95 -4.18 18.21
N ARG A 478 12.22 -2.88 18.28
CA ARG A 478 11.19 -1.83 18.26
C ARG A 478 10.49 -1.91 16.91
N GLY A 479 9.16 -1.96 16.95
CA GLY A 479 8.36 -1.97 15.70
C GLY A 479 8.10 -3.36 15.18
N TYR A 480 8.34 -3.57 13.88
CA TYR A 480 8.01 -4.89 13.29
C TYR A 480 9.04 -5.89 13.79
N ASN A 481 8.60 -7.12 13.95
CA ASN A 481 9.44 -8.28 14.27
C ASN A 481 8.96 -9.36 13.31
N LEU A 482 9.91 -10.01 12.65
CA LEU A 482 9.64 -10.97 11.57
C LEU A 482 9.68 -12.40 12.11
N ILE A 483 8.54 -13.07 12.02
CA ILE A 483 8.49 -14.55 12.23
C ILE A 483 8.87 -15.14 10.89
N GLU A 484 9.87 -16.00 10.86
CA GLU A 484 10.07 -16.83 9.65
C GLU A 484 9.92 -18.27 10.12
N VAL A 485 9.23 -19.06 9.32
CA VAL A 485 8.89 -20.46 9.63
C VAL A 485 9.22 -21.28 8.38
N THR A 486 9.76 -22.48 8.53
CA THR A 486 9.81 -23.52 7.46
C THR A 486 9.20 -24.80 8.05
N ALA A 487 8.50 -25.60 7.26
CA ALA A 487 7.80 -26.80 7.77
C ALA A 487 8.38 -28.01 7.06
N ARG A 488 8.54 -29.10 7.80
CA ARG A 488 8.88 -30.44 7.29
C ARG A 488 7.66 -31.13 6.67
N GLN A 489 6.46 -30.63 6.90
CA GLN A 489 5.21 -31.15 6.27
C GLN A 489 4.31 -29.97 5.91
N GLU A 490 3.46 -30.18 4.91
CA GLU A 490 2.57 -29.14 4.36
C GLU A 490 1.62 -28.77 5.48
N LEU A 491 1.51 -27.47 5.77
CA LEU A 491 0.74 -26.94 6.94
C LEU A 491 0.02 -25.67 6.54
N ARG A 492 -1.23 -25.49 6.97
CA ARG A 492 -1.91 -24.18 6.82
C ARG A 492 -1.93 -23.43 8.16
N PHE A 493 -1.40 -22.21 8.14
CA PHE A 493 -1.47 -21.25 9.26
C PHE A 493 -2.78 -20.46 9.18
N GLY A 494 -3.56 -20.47 10.27
CA GLY A 494 -4.79 -19.66 10.44
C GLY A 494 -4.68 -18.60 11.51
N TRP A 495 -3.55 -18.48 12.18
CA TRP A 495 -3.38 -17.51 13.28
C TRP A 495 -1.89 -17.34 13.56
N ALA A 496 -1.48 -16.13 13.90
CA ALA A 496 -0.13 -15.79 14.37
C ALA A 496 -0.21 -14.61 15.32
N GLU A 497 0.51 -14.67 16.44
CA GLU A 497 0.64 -13.50 17.33
C GLU A 497 1.93 -13.59 18.10
N PHE A 498 2.34 -12.45 18.64
CA PHE A 498 3.38 -12.30 19.69
C PHE A 498 2.66 -12.05 21.02
N LEU A 499 2.87 -12.92 22.03
CA LEU A 499 2.42 -12.71 23.44
C LEU A 499 3.63 -12.20 24.24
N ILE A 500 3.44 -11.07 24.89
CA ILE A 500 4.52 -10.39 25.65
C ILE A 500 4.03 -10.31 27.09
N ARG A 501 4.80 -10.88 27.99
CA ARG A 501 4.34 -11.18 29.37
C ARG A 501 5.50 -10.77 30.26
N PRO A 502 5.64 -9.45 30.54
CA PRO A 502 6.73 -8.94 31.37
C PRO A 502 6.73 -9.46 32.82
N ILE B 6 8.04 17.15 -22.04
CA ILE B 6 9.13 17.88 -21.33
C ILE B 6 9.67 17.02 -20.18
N PRO B 7 8.91 16.19 -19.41
CA PRO B 7 9.54 15.40 -18.35
C PRO B 7 10.78 14.65 -18.87
N GLY B 8 10.65 13.98 -20.02
CA GLY B 8 11.77 13.26 -20.65
C GLY B 8 12.04 11.87 -20.12
N ILE B 9 13.18 11.29 -20.57
CA ILE B 9 13.57 9.87 -20.42
C ILE B 9 14.93 9.80 -19.73
N SER B 10 15.02 8.95 -18.71
CA SER B 10 16.27 8.53 -18.04
C SER B 10 16.47 7.09 -18.49
N LEU B 11 17.61 6.76 -19.08
CA LEU B 11 17.80 5.43 -19.70
C LEU B 11 19.06 4.79 -19.11
N ASN B 12 18.88 3.60 -18.52
CA ASN B 12 19.89 2.80 -17.85
C ASN B 12 20.54 1.86 -18.87
N GLU B 13 21.87 1.94 -18.98
CA GLU B 13 22.70 1.01 -19.77
C GLU B 13 23.46 0.23 -18.70
N ASP B 14 23.32 -1.08 -18.70
CA ASP B 14 23.79 -1.96 -17.62
C ASP B 14 25.31 -2.25 -17.74
N ASN B 15 25.85 -2.95 -16.75
CA ASN B 15 27.31 -3.17 -16.56
C ASN B 15 27.92 -4.14 -17.60
N SER B 16 27.12 -4.91 -18.37
CA SER B 16 27.60 -6.12 -19.11
C SER B 16 27.22 -6.10 -20.60
N HIS B 17 26.06 -5.50 -20.89
CA HIS B 17 25.39 -5.46 -22.22
C HIS B 17 26.36 -5.12 -23.36
N TYR B 18 26.97 -3.94 -23.25
CA TYR B 18 27.78 -3.41 -24.37
C TYR B 18 28.99 -4.33 -24.63
N PHE B 19 29.57 -4.92 -23.58
CA PHE B 19 30.78 -5.81 -23.71
C PHE B 19 30.36 -7.16 -24.32
N TYR B 20 29.20 -7.71 -23.94
CA TYR B 20 28.58 -8.97 -24.48
C TYR B 20 28.26 -8.90 -25.98
N THR B 21 27.60 -7.82 -26.38
CA THR B 21 26.97 -7.66 -27.71
C THR B 21 28.06 -7.20 -28.69
N ARG B 22 29.09 -6.48 -28.27
CA ARG B 22 30.19 -6.07 -29.19
C ARG B 22 31.40 -7.02 -29.11
N ALA B 23 31.34 -8.15 -28.39
CA ALA B 23 32.50 -9.07 -28.30
C ALA B 23 33.02 -9.40 -29.71
N GLY B 24 34.35 -9.38 -29.90
CA GLY B 24 34.99 -9.95 -31.09
C GLY B 24 35.35 -8.88 -32.07
N ARG B 25 34.74 -7.70 -31.97
CA ARG B 25 35.16 -6.54 -32.79
C ARG B 25 36.29 -5.88 -31.99
N ARG B 26 37.36 -5.46 -32.64
CA ARG B 26 38.36 -4.59 -31.97
C ARG B 26 37.77 -3.18 -31.99
N LEU B 27 37.17 -2.72 -30.89
CA LEU B 27 36.45 -1.41 -30.82
C LEU B 27 37.45 -0.27 -30.83
N SER B 28 37.26 0.65 -31.76
CA SER B 28 37.88 1.99 -31.83
C SER B 28 37.17 2.99 -30.91
N ALA B 29 37.94 3.92 -30.32
CA ALA B 29 37.41 5.10 -29.59
C ALA B 29 36.21 5.66 -30.38
N GLU B 30 36.34 5.70 -31.70
CA GLU B 30 35.28 6.18 -32.63
CA GLU B 30 35.28 6.14 -32.65
C GLU B 30 34.01 5.34 -32.38
N GLU B 31 34.07 4.02 -32.51
CA GLU B 31 32.87 3.16 -32.29
C GLU B 31 32.30 3.30 -30.86
N VAL B 32 33.15 3.22 -29.83
CA VAL B 32 32.73 3.44 -28.43
C VAL B 32 31.85 4.71 -28.40
N ASP B 33 32.34 5.82 -28.98
CA ASP B 33 31.61 7.12 -28.90
C ASP B 33 30.26 7.00 -29.63
N SER B 34 30.24 6.26 -30.74
CA SER B 34 29.03 6.13 -31.61
C SER B 34 27.81 5.60 -30.78
N TRP B 35 28.03 4.79 -29.74
CA TRP B 35 26.96 4.20 -28.88
C TRP B 35 26.12 5.31 -28.25
N VAL B 36 26.71 6.45 -27.87
CA VAL B 36 26.00 7.61 -27.26
C VAL B 36 25.11 8.30 -28.30
N ASP B 37 25.44 8.17 -29.58
CA ASP B 37 24.83 8.94 -30.70
C ASP B 37 23.38 8.52 -30.92
N GLN B 38 23.07 7.23 -30.86
CA GLN B 38 21.69 6.71 -31.08
C GLN B 38 20.70 7.42 -30.11
N TYR B 39 21.12 7.84 -28.91
CA TYR B 39 20.26 8.49 -27.88
C TYR B 39 20.23 10.02 -28.02
N ALA B 40 21.13 10.63 -28.81
CA ALA B 40 21.18 12.09 -29.03
C ALA B 40 19.94 12.53 -29.79
N GLY B 41 19.47 13.75 -29.50
CA GLY B 41 18.34 14.37 -30.23
C GLY B 41 17.04 13.63 -29.98
N THR B 42 16.85 13.00 -28.82
CA THR B 42 15.59 12.32 -28.43
C THR B 42 15.02 12.96 -27.15
N GLN B 43 14.07 12.28 -26.50
CA GLN B 43 13.50 12.74 -25.21
C GLN B 43 14.39 12.25 -24.06
N VAL B 44 15.47 11.55 -24.40
CA VAL B 44 16.52 11.14 -23.43
C VAL B 44 17.24 12.40 -22.92
N LYS B 45 17.14 12.67 -21.62
CA LYS B 45 17.82 13.78 -20.90
C LYS B 45 19.09 13.25 -20.19
N GLU B 46 19.07 11.99 -19.73
CA GLU B 46 20.08 11.34 -18.86
C GLU B 46 20.30 9.88 -19.31
N LEU B 47 21.57 9.53 -19.55
CA LEU B 47 21.99 8.11 -19.65
C LEU B 47 22.58 7.75 -18.29
N MET B 48 22.08 6.69 -17.66
CA MET B 48 22.61 6.14 -16.40
C MET B 48 23.50 4.94 -16.76
N LEU B 49 24.80 5.20 -16.72
CA LEU B 49 25.83 4.25 -17.19
C LEU B 49 26.26 3.45 -15.98
N CYS B 50 25.97 2.15 -15.95
CA CYS B 50 26.25 1.25 -14.82
C CYS B 50 27.61 0.61 -15.05
N PRO B 51 28.61 0.82 -14.17
CA PRO B 51 29.93 0.25 -14.38
C PRO B 51 30.26 -1.02 -13.58
N ASN B 52 29.30 -1.60 -12.85
CA ASN B 52 29.66 -2.58 -11.80
C ASN B 52 28.51 -3.56 -11.59
N CYS B 53 28.87 -4.64 -10.91
CA CYS B 53 28.05 -5.73 -10.33
C CYS B 53 28.82 -5.99 -9.04
N MET B 54 29.26 -7.22 -8.77
CA MET B 54 30.24 -7.35 -7.66
C MET B 54 31.64 -6.92 -8.15
N ARG B 55 31.84 -6.90 -9.47
CA ARG B 55 33.13 -6.52 -10.08
C ARG B 55 32.90 -5.31 -10.99
N THR B 56 33.97 -4.56 -11.33
CA THR B 56 33.81 -3.40 -12.24
C THR B 56 34.04 -3.78 -13.71
N SER B 57 33.42 -3.05 -14.64
CA SER B 57 33.63 -3.29 -16.09
C SER B 57 34.79 -2.43 -16.61
N TYR B 58 35.26 -1.49 -15.79
CA TYR B 58 36.44 -0.65 -16.06
C TYR B 58 37.62 -1.14 -15.19
N ALA B 59 38.84 -0.66 -15.46
CA ALA B 59 40.07 -1.08 -14.70
C ALA B 59 40.15 -0.36 -13.34
N SER B 60 39.27 -0.70 -12.39
CA SER B 60 39.28 -0.17 -10.98
C SER B 60 40.61 -0.54 -10.27
N GLN B 61 41.08 0.34 -9.38
CA GLN B 61 42.23 0.15 -8.43
C GLN B 61 41.76 -0.15 -6.97
N VAL B 62 40.47 -0.07 -6.62
CA VAL B 62 39.96 -0.45 -5.26
C VAL B 62 39.10 -1.72 -5.33
N TRP B 63 38.49 -2.02 -6.46
CA TRP B 63 37.62 -3.21 -6.62
C TRP B 63 38.16 -4.13 -7.70
N ASP B 64 37.64 -5.37 -7.79
CA ASP B 64 38.01 -6.34 -8.85
C ASP B 64 37.41 -5.95 -10.19
N PRO B 65 38.22 -5.68 -11.26
CA PRO B 65 37.65 -5.67 -12.60
C PRO B 65 37.15 -7.08 -12.94
N ILE B 66 36.26 -7.13 -13.92
CA ILE B 66 35.56 -8.36 -14.37
C ILE B 66 36.59 -9.39 -14.83
N TRP B 67 37.76 -8.93 -15.33
CA TRP B 67 38.86 -9.77 -15.86
C TRP B 67 39.87 -10.11 -14.77
N ARG B 68 39.62 -9.86 -13.50
CA ARG B 68 40.57 -10.32 -12.46
C ARG B 68 40.66 -11.85 -12.55
N GLY B 69 41.85 -12.43 -12.76
CA GLY B 69 42.05 -13.89 -12.88
C GLY B 69 42.05 -14.36 -14.33
N TYR B 70 41.83 -13.40 -15.27
CA TYR B 70 41.66 -13.69 -16.72
C TYR B 70 43.02 -14.00 -17.37
N ASP B 71 43.09 -15.15 -18.06
CA ASP B 71 44.20 -15.55 -18.97
C ASP B 71 43.74 -15.24 -20.42
N PRO B 72 44.04 -13.99 -20.92
CA PRO B 72 43.53 -13.50 -22.20
C PRO B 72 43.99 -14.26 -23.45
N ALA B 73 45.16 -14.92 -23.38
CA ALA B 73 45.74 -15.81 -24.44
C ALA B 73 45.22 -17.24 -24.28
N GLY B 74 44.65 -17.55 -23.10
CA GLY B 74 44.35 -18.94 -22.71
C GLY B 74 43.05 -19.46 -23.30
N PRO B 75 42.74 -20.75 -23.00
CA PRO B 75 41.52 -21.40 -23.50
C PRO B 75 40.30 -21.04 -22.64
N ASP B 76 39.11 -21.29 -23.19
CA ASP B 76 37.82 -20.97 -22.51
C ASP B 76 37.80 -21.68 -21.15
N ASP B 77 38.36 -22.89 -21.05
CA ASP B 77 38.46 -23.63 -19.77
C ASP B 77 39.76 -23.21 -19.04
N GLN B 78 39.68 -22.06 -18.37
CA GLN B 78 40.69 -21.52 -17.44
C GLN B 78 40.01 -21.31 -16.09
N PRO B 79 40.78 -21.30 -14.96
CA PRO B 79 40.20 -21.19 -13.62
C PRO B 79 39.06 -20.16 -13.49
N LEU B 80 39.22 -18.95 -14.02
CA LEU B 80 38.17 -17.89 -13.91
C LEU B 80 36.81 -18.39 -14.46
N LEU B 81 36.80 -19.15 -15.55
CA LEU B 81 35.58 -19.56 -16.32
C LEU B 81 35.26 -21.05 -16.06
N ALA B 82 36.08 -21.75 -15.27
CA ALA B 82 35.99 -23.22 -15.05
C ALA B 82 34.56 -23.60 -14.61
N SER B 83 33.93 -22.77 -13.77
CA SER B 83 32.67 -23.14 -13.09
C SER B 83 31.46 -23.04 -14.03
N LEU B 84 31.56 -22.40 -15.21
CA LEU B 84 30.41 -22.38 -16.17
C LEU B 84 30.47 -23.58 -17.09
N PRO B 85 29.32 -24.03 -17.64
CA PRO B 85 29.29 -24.95 -18.77
C PRO B 85 30.03 -24.33 -19.98
N PRO B 86 30.70 -25.14 -20.83
CA PRO B 86 31.49 -24.61 -21.97
C PRO B 86 30.77 -23.58 -22.87
N GLU B 87 29.49 -23.82 -23.12
CA GLU B 87 28.61 -22.87 -23.88
C GLU B 87 28.59 -21.48 -23.20
N GLU B 88 28.40 -21.43 -21.88
CA GLU B 88 28.24 -20.14 -21.16
C GLU B 88 29.61 -19.48 -20.98
N ARG B 89 30.71 -20.25 -20.91
CA ARG B 89 32.08 -19.68 -20.92
C ARG B 89 32.22 -18.72 -22.11
N VAL B 90 31.67 -19.08 -23.27
CA VAL B 90 31.80 -18.22 -24.50
C VAL B 90 31.11 -16.87 -24.30
N ALA B 91 29.83 -16.85 -23.90
CA ALA B 91 29.11 -15.58 -23.59
C ALA B 91 29.91 -14.75 -22.58
N ALA B 92 30.31 -15.33 -21.45
CA ALA B 92 30.96 -14.61 -20.34
C ALA B 92 32.31 -14.07 -20.76
N ARG B 93 33.03 -14.87 -21.57
CA ARG B 93 34.41 -14.50 -21.96
C ARG B 93 34.27 -13.28 -22.88
N GLY B 94 33.14 -13.17 -23.61
CA GLY B 94 32.91 -12.01 -24.48
C GLY B 94 32.88 -10.73 -23.66
N TRP B 95 32.11 -10.71 -22.56
CA TRP B 95 32.04 -9.50 -21.70
C TRP B 95 33.43 -9.18 -21.17
N ILE B 96 34.06 -10.22 -20.58
CA ILE B 96 35.36 -10.13 -19.86
C ILE B 96 36.41 -9.65 -20.85
N HIS B 97 36.46 -10.29 -22.01
CA HIS B 97 37.57 -10.02 -22.97
C HIS B 97 37.40 -8.62 -23.58
N THR B 98 36.18 -8.23 -23.92
CA THR B 98 35.92 -6.93 -24.58
C THR B 98 36.29 -5.78 -23.63
N ALA B 99 35.86 -5.88 -22.37
CA ALA B 99 36.20 -4.95 -21.27
C ALA B 99 37.72 -4.90 -21.13
N TRP B 100 38.33 -6.08 -21.04
CA TRP B 100 39.79 -6.15 -20.82
C TRP B 100 40.48 -5.44 -22.00
N GLN B 101 40.08 -5.80 -23.22
CA GLN B 101 40.77 -5.30 -24.45
C GLN B 101 40.63 -3.78 -24.56
N LEU B 102 39.54 -3.21 -24.07
CA LEU B 102 39.36 -1.73 -24.08
C LEU B 102 40.40 -1.10 -23.15
N HIS B 103 40.61 -1.68 -21.97
CA HIS B 103 41.55 -1.13 -20.96
C HIS B 103 42.96 -1.18 -21.56
N GLN B 104 43.31 -2.28 -22.24
CA GLN B 104 44.64 -2.48 -22.89
C GLN B 104 44.81 -1.47 -24.04
N ASP B 105 43.74 -1.15 -24.78
CA ASP B 105 43.79 -0.15 -25.87
C ASP B 105 43.88 1.30 -25.29
N GLY B 106 43.98 1.46 -23.96
CA GLY B 106 43.88 2.76 -23.26
C GLY B 106 42.54 3.49 -23.50
N ILE B 107 41.44 2.71 -23.63
CA ILE B 107 40.05 3.25 -23.80
C ILE B 107 39.30 3.06 -22.47
N ASP B 108 38.94 4.14 -21.79
CA ASP B 108 38.12 4.03 -20.56
C ASP B 108 36.68 4.31 -21.01
N ILE B 109 35.88 3.26 -21.21
CA ILE B 109 34.59 3.36 -21.95
C ILE B 109 33.68 4.40 -21.28
N TYR B 110 33.74 4.50 -19.93
CA TYR B 110 32.83 5.38 -19.15
C TYR B 110 33.28 6.85 -19.28
N ALA B 111 34.59 7.15 -19.28
CA ALA B 111 35.11 8.52 -19.52
C ALA B 111 34.78 8.97 -20.94
N ARG B 112 34.90 8.05 -21.89
CA ARG B 112 34.49 8.27 -23.30
C ARG B 112 32.99 8.57 -23.35
N TRP B 113 32.11 7.65 -22.94
CA TRP B 113 30.62 7.85 -22.99
C TRP B 113 30.19 9.18 -22.35
N ILE B 114 30.71 9.47 -21.16
CA ILE B 114 30.52 10.76 -20.41
C ILE B 114 30.87 11.96 -21.32
N ARG B 115 32.16 12.12 -21.68
CA ARG B 115 32.67 13.11 -22.67
C ARG B 115 31.67 13.31 -23.81
N ARG B 116 31.31 12.19 -24.46
CA ARG B 116 30.43 12.18 -25.67
C ARG B 116 29.00 12.60 -25.28
N CYS B 117 28.40 11.99 -24.24
CA CYS B 117 27.11 12.50 -23.68
C CYS B 117 27.12 14.05 -23.69
N ARG B 118 28.20 14.68 -23.21
CA ARG B 118 28.21 16.15 -22.92
C ARG B 118 28.26 16.93 -24.24
N GLN B 119 28.98 16.44 -25.24
CA GLN B 119 28.96 17.05 -26.60
C GLN B 119 27.52 16.97 -27.14
N ARG B 120 26.89 15.80 -27.07
CA ARG B 120 25.54 15.52 -27.65
C ARG B 120 24.37 16.01 -26.75
N GLY B 121 24.60 16.80 -25.71
CA GLY B 121 23.54 17.45 -24.91
C GLY B 121 22.80 16.47 -24.00
N ILE B 122 23.41 15.35 -23.67
CA ILE B 122 22.90 14.39 -22.67
C ILE B 122 23.66 14.62 -21.37
N SER B 123 22.92 14.67 -20.28
CA SER B 123 23.45 14.62 -18.89
C SER B 123 23.93 13.19 -18.63
N PRO B 124 25.26 12.96 -18.45
CA PRO B 124 25.78 11.63 -18.13
C PRO B 124 25.75 11.27 -16.64
N TRP B 125 25.17 10.13 -16.29
CA TRP B 125 25.13 9.65 -14.88
C TRP B 125 25.93 8.37 -14.75
N ILE B 126 26.52 8.17 -13.59
CA ILE B 126 26.93 6.81 -13.13
C ILE B 126 25.84 6.28 -12.19
N SER B 127 25.35 5.08 -12.51
CA SER B 127 24.39 4.25 -11.74
C SER B 127 25.16 3.04 -11.21
N MET B 128 25.26 2.93 -9.88
CA MET B 128 25.98 1.84 -9.15
C MET B 128 25.00 0.75 -8.65
N ARG B 129 25.22 -0.48 -9.06
CA ARG B 129 24.55 -1.65 -8.46
C ARG B 129 25.09 -1.84 -7.03
N MET B 130 24.26 -1.64 -6.01
CA MET B 130 24.73 -1.59 -4.58
C MET B 130 24.87 -3.01 -4.01
N ASN B 131 24.28 -4.01 -4.65
CA ASN B 131 24.17 -5.36 -4.04
C ASN B 131 23.70 -6.41 -5.07
N ASP B 132 24.38 -6.45 -6.22
CA ASP B 132 24.12 -7.44 -7.29
C ASP B 132 24.51 -8.82 -6.75
N VAL B 133 23.67 -9.82 -7.06
CA VAL B 133 23.81 -11.24 -6.63
C VAL B 133 23.43 -12.19 -7.79
N HIS B 134 23.66 -11.80 -9.05
CA HIS B 134 23.59 -12.77 -10.19
C HIS B 134 24.45 -14.01 -9.91
N TYR B 135 23.84 -15.20 -9.99
CA TYR B 135 24.52 -16.52 -9.99
C TYR B 135 25.25 -16.78 -8.66
N VAL B 136 24.84 -16.16 -7.54
CA VAL B 136 25.48 -16.45 -6.20
C VAL B 136 25.31 -17.91 -5.72
N ASN B 137 24.57 -18.74 -6.45
CA ASN B 137 24.42 -20.20 -6.23
C ASN B 137 25.72 -20.91 -6.61
N ASP B 138 26.53 -20.21 -7.42
CA ASP B 138 27.87 -20.60 -7.95
C ASP B 138 28.85 -19.63 -7.28
N GLU B 139 29.39 -20.06 -6.14
CA GLU B 139 30.42 -19.33 -5.37
C GLU B 139 31.72 -19.24 -6.20
N ARG B 140 31.93 -20.10 -7.20
CA ARG B 140 33.14 -20.01 -8.09
C ARG B 140 32.94 -19.02 -9.25
N CYS B 141 31.78 -18.38 -9.37
CA CYS B 141 31.44 -17.68 -10.64
C CYS B 141 32.42 -16.52 -10.93
N PHE B 142 32.66 -16.22 -12.20
CA PHE B 142 33.66 -15.20 -12.62
C PHE B 142 33.30 -13.82 -12.09
N LEU B 143 32.01 -13.53 -11.90
CA LEU B 143 31.57 -12.12 -11.72
C LEU B 143 31.30 -11.80 -10.26
N HIS B 144 31.57 -12.71 -9.33
CA HIS B 144 31.61 -12.40 -7.88
C HIS B 144 32.97 -11.81 -7.49
N SER B 145 33.01 -10.78 -6.61
CA SER B 145 34.23 -10.22 -5.97
C SER B 145 34.86 -11.25 -5.01
N GLU B 146 36.17 -11.23 -4.96
CA GLU B 146 36.95 -12.03 -3.99
C GLU B 146 36.47 -11.62 -2.57
N PHE B 147 36.18 -10.34 -2.33
CA PHE B 147 35.71 -9.87 -1.01
C PHE B 147 34.44 -10.63 -0.63
N TRP B 148 33.52 -10.78 -1.58
CA TRP B 148 32.28 -11.58 -1.36
C TRP B 148 32.65 -13.04 -1.11
N ARG B 149 33.58 -13.55 -1.94
CA ARG B 149 33.90 -14.99 -1.94
C ARG B 149 34.52 -15.37 -0.59
N GLU B 150 35.27 -14.45 0.01
CA GLU B 150 36.10 -14.70 1.22
C GLU B 150 35.33 -14.34 2.50
N ASN B 151 34.15 -13.74 2.38
CA ASN B 151 33.44 -13.22 3.59
C ASN B 151 32.00 -13.70 3.62
N PRO B 152 31.75 -15.03 3.64
CA PRO B 152 30.41 -15.55 3.80
C PRO B 152 29.70 -14.95 5.04
N GLN B 153 30.44 -14.76 6.15
CA GLN B 153 29.90 -14.15 7.40
C GLN B 153 29.27 -12.75 7.12
N LEU B 154 29.64 -12.05 6.04
CA LEU B 154 29.02 -10.73 5.69
C LEU B 154 27.66 -10.86 4.93
N ARG B 155 27.07 -12.03 4.74
CA ARG B 155 25.79 -12.18 4.03
C ARG B 155 24.59 -11.92 4.97
N ARG B 156 23.43 -11.63 4.37
CA ARG B 156 22.09 -11.34 4.93
C ARG B 156 21.45 -12.53 5.66
N VAL B 157 21.52 -13.74 5.12
CA VAL B 157 20.71 -14.90 5.62
C VAL B 157 21.57 -16.15 5.73
N PRO B 158 22.11 -16.49 6.93
CA PRO B 158 23.00 -17.64 7.07
C PRO B 158 22.28 -18.99 7.21
N TYR B 159 20.99 -19.00 7.54
CA TYR B 159 20.24 -20.20 8.00
C TYR B 159 19.51 -20.85 6.81
N ARG B 160 19.58 -20.24 5.62
CA ARG B 160 18.88 -20.82 4.44
C ARG B 160 19.35 -20.19 3.11
N PHE B 161 19.38 -20.99 2.04
CA PHE B 161 19.64 -20.44 0.69
C PHE B 161 18.45 -20.86 -0.17
N ALA B 162 17.39 -20.03 -0.23
CA ALA B 162 16.20 -20.27 -1.08
C ALA B 162 16.17 -19.27 -2.25
N GLU B 163 16.93 -18.17 -2.18
CA GLU B 163 16.96 -17.11 -3.23
C GLU B 163 18.38 -16.56 -3.27
N TRP B 164 18.77 -15.92 -4.36
CA TRP B 164 20.07 -15.19 -4.53
C TRP B 164 20.25 -14.06 -3.50
N THR B 165 19.20 -13.35 -3.15
CA THR B 165 19.27 -12.26 -2.15
C THR B 165 19.64 -12.83 -0.75
N ASP B 166 19.40 -14.12 -0.50
CA ASP B 166 19.89 -14.77 0.76
C ASP B 166 21.41 -14.58 0.88
N ARG B 167 22.15 -14.43 -0.24
CA ARG B 167 23.63 -14.32 -0.22
C ARG B 167 24.04 -12.88 -0.50
N ALA B 168 23.09 -11.94 -0.48
CA ALA B 168 23.43 -10.53 -0.73
C ALA B 168 24.25 -10.07 0.46
N PHE B 169 25.03 -9.01 0.29
CA PHE B 169 25.79 -8.39 1.40
C PHE B 169 24.76 -7.79 2.35
N ASP B 170 24.99 -7.98 3.65
CA ASP B 170 24.31 -7.31 4.76
C ASP B 170 24.97 -5.95 5.04
N TYR B 171 24.35 -4.86 4.60
CA TYR B 171 24.76 -3.45 4.89
C TYR B 171 24.62 -3.09 6.38
N GLY B 172 24.06 -3.97 7.21
CA GLY B 172 24.19 -3.88 8.68
C GLY B 172 25.63 -4.00 9.14
N ARG B 173 26.55 -4.27 8.23
CA ARG B 173 28.00 -4.41 8.54
C ARG B 173 28.74 -3.16 8.08
N ALA B 174 29.64 -2.68 8.98
CA ALA B 174 30.62 -1.60 8.72
C ALA B 174 31.49 -1.94 7.50
N GLU B 175 31.92 -3.21 7.40
CA GLU B 175 32.88 -3.71 6.37
C GLU B 175 32.19 -3.66 4.99
N VAL B 176 30.87 -3.94 4.96
CA VAL B 176 30.03 -3.95 3.73
C VAL B 176 29.84 -2.52 3.25
N ARG B 177 29.41 -1.61 4.13
CA ARG B 177 29.29 -0.17 3.76
C ARG B 177 30.68 0.35 3.32
N GLU B 178 31.74 0.07 4.07
CA GLU B 178 33.10 0.52 3.69
C GLU B 178 33.42 0.01 2.28
N HIS B 179 33.14 -1.27 2.01
CA HIS B 179 33.43 -1.91 0.69
C HIS B 179 32.73 -1.11 -0.43
N HIS B 180 31.45 -0.75 -0.31
CA HIS B 180 30.74 0.01 -1.38
C HIS B 180 31.14 1.50 -1.40
N LEU B 181 31.46 2.11 -0.23
CA LEU B 181 31.95 3.51 -0.14
C LEU B 181 33.31 3.62 -0.83
N LYS B 182 34.13 2.56 -0.74
CA LYS B 182 35.42 2.43 -1.50
C LYS B 182 35.20 2.69 -3.00
N LEU B 183 34.23 2.02 -3.63
CA LEU B 183 33.96 2.13 -5.09
C LEU B 183 33.39 3.51 -5.45
N ILE B 184 32.50 4.07 -4.63
CA ILE B 184 31.91 5.44 -4.74
C ILE B 184 33.05 6.46 -4.65
N ARG B 185 33.92 6.33 -3.65
CA ARG B 185 35.12 7.20 -3.49
C ARG B 185 35.95 7.19 -4.80
N GLU B 186 36.11 6.02 -5.43
CA GLU B 186 36.85 5.83 -6.71
C GLU B 186 36.05 6.43 -7.87
N LEU B 187 34.73 6.19 -7.97
CA LEU B 187 33.92 6.65 -9.13
C LEU B 187 33.90 8.18 -9.18
N ALA B 188 33.66 8.85 -8.05
CA ALA B 188 33.71 10.32 -7.90
C ALA B 188 35.06 10.91 -8.36
N ALA B 189 36.18 10.23 -8.06
CA ALA B 189 37.53 10.74 -8.38
C ALA B 189 37.84 10.46 -9.85
N ARG B 190 37.40 9.34 -10.39
CA ARG B 190 37.78 8.86 -11.75
C ARG B 190 36.96 9.57 -12.84
N TYR B 191 35.65 9.78 -12.59
CA TYR B 191 34.69 10.26 -13.61
C TYR B 191 34.05 11.58 -13.13
N ASP B 192 34.00 12.55 -14.04
CA ASP B 192 33.37 13.87 -13.88
C ASP B 192 31.91 13.76 -14.35
N PHE B 193 31.09 13.00 -13.63
CA PHE B 193 29.65 12.78 -13.96
C PHE B 193 28.79 13.95 -13.44
N ASP B 194 27.62 14.15 -14.06
CA ASP B 194 26.54 15.07 -13.58
C ASP B 194 25.80 14.50 -12.38
N GLY B 195 25.71 13.16 -12.26
CA GLY B 195 25.12 12.55 -11.05
C GLY B 195 25.48 11.10 -10.83
N LEU B 196 25.45 10.69 -9.56
CA LEU B 196 25.62 9.29 -9.09
C LEU B 196 24.24 8.76 -8.66
N GLU B 197 23.85 7.59 -9.18
CA GLU B 197 22.57 6.94 -8.81
C GLU B 197 22.97 5.74 -7.97
N LEU B 198 22.44 5.70 -6.76
CA LEU B 198 22.63 4.50 -5.91
C LEU B 198 21.51 3.55 -6.34
N ASP B 199 21.85 2.51 -7.10
CA ASP B 199 20.83 1.50 -7.55
C ASP B 199 20.64 0.43 -6.45
N TRP B 200 19.83 0.74 -5.42
CA TRP B 200 19.47 -0.15 -4.29
C TRP B 200 18.65 -1.37 -4.78
N MET B 201 17.93 -1.19 -5.89
CA MET B 201 17.05 -2.19 -6.55
C MET B 201 17.82 -3.30 -7.30
N ARG B 202 19.15 -3.19 -7.37
CA ARG B 202 19.97 -4.39 -7.66
C ARG B 202 20.64 -4.84 -6.36
N PHE B 203 19.99 -5.77 -5.59
CA PHE B 203 18.76 -6.48 -5.90
C PHE B 203 17.60 -6.11 -4.96
N GLY B 204 17.69 -4.97 -4.29
CA GLY B 204 16.62 -4.55 -3.37
C GLY B 204 16.80 -4.97 -1.92
N PHE B 205 17.55 -6.02 -1.60
CA PHE B 205 17.58 -6.62 -0.23
C PHE B 205 18.98 -6.45 0.41
N HIS B 206 19.06 -5.61 1.44
CA HIS B 206 20.35 -5.09 1.96
C HIS B 206 20.58 -5.45 3.42
N PHE B 207 19.57 -5.97 4.16
CA PHE B 207 19.68 -6.22 5.63
C PHE B 207 19.27 -7.65 6.00
N ARG B 208 19.73 -8.09 7.17
CA ARG B 208 19.18 -9.27 7.88
C ARG B 208 17.66 -9.11 7.97
N PRO B 209 16.89 -10.18 7.66
CA PRO B 209 15.44 -10.18 7.84
C PRO B 209 15.07 -9.84 9.29
N GLY B 210 14.23 -8.84 9.44
CA GLY B 210 13.81 -8.37 10.77
C GLY B 210 14.56 -7.15 11.23
N TYR B 211 15.71 -6.81 10.61
CA TYR B 211 16.58 -5.65 11.00
C TYR B 211 16.39 -4.41 10.13
N GLU B 212 15.29 -4.30 9.40
CA GLU B 212 15.12 -3.30 8.32
C GLU B 212 14.93 -1.89 8.90
N ALA B 213 14.43 -1.80 10.13
CA ALA B 213 14.27 -0.55 10.91
C ALA B 213 15.62 0.10 11.18
N GLU B 214 16.53 -0.63 11.87
CA GLU B 214 17.93 -0.18 12.04
C GLU B 214 18.50 0.06 10.63
N GLY B 215 18.23 -0.83 9.69
CA GLY B 215 18.53 -0.67 8.26
C GLY B 215 18.22 0.72 7.71
N ALA B 216 17.01 1.23 7.93
CA ALA B 216 16.58 2.55 7.41
C ALA B 216 17.57 3.63 7.89
N GLU B 217 17.92 3.59 9.17
CA GLU B 217 18.82 4.58 9.84
C GLU B 217 20.18 4.49 9.16
N ILE B 218 20.70 3.27 9.05
CA ILE B 218 21.98 2.95 8.40
C ILE B 218 21.97 3.49 6.95
N LEU B 219 20.94 3.24 6.14
CA LEU B 219 21.01 3.67 4.71
C LEU B 219 20.85 5.19 4.58
N THR B 220 20.22 5.86 5.53
CA THR B 220 20.11 7.34 5.58
C THR B 220 21.48 7.91 5.92
N ALA B 221 22.18 7.37 6.92
CA ALA B 221 23.52 7.83 7.33
C ALA B 221 24.52 7.56 6.20
N PHE B 222 24.41 6.42 5.48
CA PHE B 222 25.18 6.08 4.25
C PHE B 222 24.96 7.14 3.14
N THR B 223 23.69 7.41 2.78
CA THR B 223 23.35 8.42 1.74
C THR B 223 23.95 9.78 2.17
N ALA B 224 23.83 10.19 3.45
CA ALA B 224 24.37 11.49 3.95
C ALA B 224 25.89 11.56 3.72
N GLU B 225 26.62 10.49 4.04
CA GLU B 225 28.09 10.37 3.85
C GLU B 225 28.41 10.51 2.35
N VAL B 226 27.61 9.87 1.47
CA VAL B 226 27.75 9.97 -0.01
C VAL B 226 27.47 11.42 -0.44
N ARG B 227 26.36 12.01 0.01
CA ARG B 227 26.08 13.43 -0.31
C ARG B 227 27.26 14.30 0.11
N ARG B 228 27.83 14.05 1.30
CA ARG B 228 28.95 14.85 1.89
C ARG B 228 30.24 14.63 1.07
N LEU B 229 30.46 13.43 0.55
CA LEU B 229 31.56 13.15 -0.41
C LEU B 229 31.36 13.96 -1.70
N LEU B 230 30.18 13.90 -2.32
CA LEU B 230 29.95 14.55 -3.64
C LEU B 230 30.00 16.07 -3.47
N ASP B 231 29.69 16.60 -2.27
CA ASP B 231 29.73 18.06 -1.99
C ASP B 231 31.20 18.51 -2.16
N ASP B 232 32.17 17.68 -1.76
CA ASP B 232 33.63 18.00 -1.89
C ASP B 232 34.00 18.02 -3.38
N TRP B 233 33.50 17.06 -4.14
CA TRP B 233 33.80 16.98 -5.60
C TRP B 233 33.14 18.16 -6.33
N GLU B 234 32.00 18.66 -5.85
CA GLU B 234 31.38 19.89 -6.43
C GLU B 234 32.41 21.03 -6.47
N LYS B 235 33.19 21.19 -5.40
CA LYS B 235 34.25 22.23 -5.29
C LYS B 235 35.34 21.91 -6.32
N ARG B 236 35.86 20.68 -6.34
CA ARG B 236 36.97 20.27 -7.25
C ARG B 236 36.53 20.39 -8.71
N ARG B 237 35.25 20.16 -9.04
CA ARG B 237 34.74 20.18 -10.44
C ARG B 237 34.11 21.53 -10.82
N GLY B 238 33.69 22.33 -9.84
CA GLY B 238 33.03 23.65 -10.05
C GLY B 238 31.66 23.54 -10.70
N HIS B 239 30.97 22.40 -10.59
CA HIS B 239 29.53 22.30 -10.96
C HIS B 239 28.77 21.38 -10.00
N LYS B 240 27.45 21.55 -9.97
CA LYS B 240 26.51 20.72 -9.19
C LYS B 240 26.65 19.24 -9.61
N ILE B 241 26.81 18.35 -8.62
CA ILE B 241 26.80 16.88 -8.81
C ILE B 241 25.53 16.36 -8.09
N HIS B 242 24.67 15.67 -8.83
CA HIS B 242 23.36 15.17 -8.32
C HIS B 242 23.58 13.83 -7.58
N LEU B 243 22.76 13.53 -6.58
CA LEU B 243 22.68 12.17 -5.98
C LEU B 243 21.24 11.68 -6.06
N GLY B 244 21.05 10.54 -6.71
CA GLY B 244 19.74 9.90 -6.92
C GLY B 244 19.79 8.45 -6.50
N ALA B 245 18.60 7.80 -6.45
CA ALA B 245 18.49 6.42 -5.93
C ALA B 245 17.31 5.68 -6.57
N ARG B 246 17.48 4.41 -6.89
CA ARG B 246 16.36 3.50 -7.21
C ARG B 246 15.84 2.85 -5.89
N ILE B 247 14.53 2.77 -5.76
CA ILE B 247 13.82 2.35 -4.54
C ILE B 247 12.56 1.64 -5.03
N PRO B 248 11.93 0.81 -4.19
CA PRO B 248 10.69 0.11 -4.60
C PRO B 248 9.49 1.05 -4.82
N SER B 249 8.46 0.51 -5.47
CA SER B 249 7.39 1.26 -6.18
C SER B 249 6.32 1.77 -5.19
N ARG B 250 6.18 1.19 -4.00
CA ARG B 250 5.19 1.62 -2.99
C ARG B 250 5.97 2.05 -1.76
N PRO B 251 5.57 3.14 -1.05
CA PRO B 251 6.30 3.64 0.13
C PRO B 251 6.36 2.69 1.33
N ALA B 252 5.37 1.82 1.57
CA ALA B 252 5.45 0.85 2.70
C ALA B 252 6.56 -0.17 2.38
N THR B 253 6.64 -0.67 1.14
CA THR B 253 7.70 -1.64 0.70
C THR B 253 9.09 -0.98 0.80
N ALA B 254 9.22 0.28 0.36
CA ALA B 254 10.53 0.99 0.37
C ALA B 254 11.05 1.09 1.80
N LEU B 255 10.24 1.68 2.70
CA LEU B 255 10.61 1.83 4.14
C LEU B 255 10.79 0.42 4.74
N GLY B 256 9.94 -0.56 4.41
CA GLY B 256 10.02 -1.95 4.90
C GLY B 256 11.28 -2.70 4.45
N LEU B 257 12.00 -2.16 3.46
CA LEU B 257 13.28 -2.71 2.98
C LEU B 257 14.43 -1.75 3.35
N GLY B 258 14.19 -0.84 4.31
CA GLY B 258 15.17 0.01 4.99
C GLY B 258 15.49 1.20 4.13
N MET B 259 14.59 1.58 3.23
CA MET B 259 14.82 2.75 2.36
C MET B 259 13.75 3.79 2.70
N ASP B 260 14.04 4.60 3.72
CA ASP B 260 13.25 5.80 4.12
C ASP B 260 13.63 6.99 3.23
N ALA B 261 13.04 7.02 2.02
CA ALA B 261 13.37 7.99 0.93
C ALA B 261 12.85 9.40 1.24
N VAL B 262 11.72 9.52 1.95
CA VAL B 262 11.15 10.86 2.33
C VAL B 262 12.17 11.60 3.19
N THR B 263 12.83 10.90 4.13
CA THR B 263 13.88 11.45 5.01
C THR B 263 15.07 11.92 4.16
N TRP B 264 15.63 11.04 3.30
CA TRP B 264 16.71 11.35 2.31
C TRP B 264 16.32 12.65 1.65
N ALA B 265 15.05 12.71 1.17
CA ALA B 265 14.50 13.84 0.36
C ALA B 265 14.47 15.13 1.19
N ARG B 266 13.74 15.11 2.31
CA ARG B 266 13.64 16.26 3.26
C ARG B 266 15.00 16.71 3.79
N ARG B 267 16.02 15.85 3.80
CA ARG B 267 17.32 16.30 4.32
C ARG B 267 18.21 16.75 3.14
N GLY B 268 17.61 16.98 1.96
CA GLY B 268 18.36 17.26 0.72
C GLY B 268 19.55 16.33 0.53
N LEU B 269 19.40 15.05 0.87
CA LEU B 269 20.47 14.02 0.70
C LEU B 269 20.44 13.56 -0.74
N VAL B 270 19.25 13.41 -1.35
CA VAL B 270 19.07 13.06 -2.80
C VAL B 270 18.29 14.18 -3.47
N ASP B 271 18.41 14.30 -4.80
CA ASP B 271 17.58 15.24 -5.60
C ASP B 271 16.85 14.45 -6.70
N MET B 272 16.95 13.13 -6.71
CA MET B 272 16.20 12.32 -7.70
C MET B 272 15.86 10.93 -7.15
N LEU B 273 14.63 10.48 -7.37
CA LEU B 273 14.26 9.13 -6.92
C LEU B 273 13.56 8.40 -8.06
N VAL B 274 13.84 7.11 -8.21
CA VAL B 274 13.28 6.27 -9.28
C VAL B 274 12.54 5.16 -8.59
N ILE B 275 11.23 5.22 -8.66
CA ILE B 275 10.37 4.14 -8.12
C ILE B 275 10.30 3.08 -9.22
N THR B 276 10.50 1.84 -8.86
CA THR B 276 10.64 0.81 -9.89
C THR B 276 10.36 -0.55 -9.27
N PRO B 277 9.90 -1.50 -10.11
CA PRO B 277 10.01 -2.92 -9.80
C PRO B 277 11.47 -3.36 -9.95
N PHE B 278 11.73 -4.56 -9.44
CA PHE B 278 13.02 -5.30 -9.49
C PHE B 278 13.28 -5.74 -10.93
N TRP B 279 12.37 -6.52 -11.53
CA TRP B 279 12.66 -7.27 -12.80
C TRP B 279 11.47 -8.01 -13.40
N ALA B 280 10.79 -8.82 -12.59
CA ALA B 280 9.88 -9.89 -13.05
C ALA B 280 8.81 -9.34 -14.02
N SER B 281 8.48 -8.03 -13.95
CA SER B 281 7.49 -7.35 -14.85
C SER B 281 7.60 -5.86 -14.63
N ALA B 282 7.44 -5.02 -15.66
CA ALA B 282 7.13 -3.58 -15.48
C ALA B 282 5.82 -3.48 -14.69
N GLU B 283 5.76 -2.51 -13.81
CA GLU B 283 4.46 -2.14 -13.17
C GLU B 283 3.94 -0.98 -14.02
N THR B 284 2.72 -1.20 -14.48
CA THR B 284 1.89 -0.28 -15.30
C THR B 284 1.14 0.62 -14.33
N ASP B 285 1.05 0.16 -13.05
CA ASP B 285 0.34 0.83 -11.94
C ASP B 285 1.26 1.05 -10.71
N MET B 286 1.62 2.30 -10.43
CA MET B 286 2.47 2.64 -9.28
C MET B 286 1.88 3.89 -8.66
N PRO B 287 1.87 3.98 -7.32
CA PRO B 287 1.22 5.13 -6.68
C PRO B 287 2.02 6.45 -6.75
N VAL B 288 2.21 7.00 -7.95
CA VAL B 288 3.01 8.24 -8.19
C VAL B 288 2.37 9.40 -7.40
N GLU B 289 1.03 9.59 -7.47
CA GLU B 289 0.32 10.69 -6.78
C GLU B 289 0.76 10.74 -5.31
N ILE B 290 0.79 9.59 -4.64
CA ILE B 290 1.16 9.48 -3.20
C ILE B 290 2.63 9.91 -2.99
N TRP B 291 3.54 9.43 -3.84
CA TRP B 291 4.99 9.74 -3.76
C TRP B 291 5.15 11.25 -3.91
N ARG B 292 4.50 11.86 -4.91
CA ARG B 292 4.52 13.32 -5.13
C ARG B 292 4.09 14.03 -3.84
N GLN B 293 3.03 13.59 -3.14
CA GLN B 293 2.60 14.31 -1.90
C GLN B 293 3.69 14.16 -0.83
N LEU B 294 4.17 12.91 -0.68
CA LEU B 294 5.26 12.59 0.27
C LEU B 294 6.48 13.50 -0.03
N LEU B 295 6.71 13.93 -1.27
CA LEU B 295 8.02 14.57 -1.65
C LEU B 295 7.83 16.09 -1.78
N GLU B 296 6.60 16.58 -1.52
CA GLU B 296 6.22 18.01 -1.74
C GLU B 296 7.17 18.91 -0.97
N GLY B 297 7.68 19.96 -1.62
CA GLY B 297 8.60 20.97 -1.05
C GLY B 297 10.04 20.50 -0.84
N THR B 298 10.41 19.30 -1.29
CA THR B 298 11.79 18.73 -1.15
C THR B 298 12.68 19.07 -2.36
N GLY B 299 12.10 19.43 -3.52
CA GLY B 299 12.80 19.60 -4.82
C GLY B 299 13.49 18.32 -5.32
N VAL B 300 12.98 17.14 -5.02
CA VAL B 300 13.47 15.88 -5.63
C VAL B 300 12.70 15.66 -6.93
N THR B 301 13.37 15.25 -8.01
CA THR B 301 12.69 14.76 -9.24
C THR B 301 12.28 13.29 -9.06
N LEU B 302 10.98 13.02 -9.12
CA LEU B 302 10.43 11.64 -9.09
C LEU B 302 10.36 11.02 -10.49
N ALA B 303 11.06 9.89 -10.70
CA ALA B 303 11.02 9.14 -11.97
C ALA B 303 10.29 7.80 -11.73
N ALA B 304 9.39 7.45 -12.65
CA ALA B 304 8.70 6.14 -12.75
C ALA B 304 9.50 5.21 -13.64
N GLY B 305 10.05 4.16 -13.02
CA GLY B 305 10.91 3.13 -13.61
C GLY B 305 10.13 2.01 -14.28
N LEU B 306 10.41 1.77 -15.57
CA LEU B 306 9.84 0.62 -16.28
C LEU B 306 10.89 -0.49 -16.31
N GLU B 307 10.44 -1.76 -16.31
CA GLU B 307 11.28 -2.91 -16.69
C GLU B 307 10.85 -3.45 -18.03
N VAL B 308 11.68 -4.28 -18.67
CA VAL B 308 11.47 -4.67 -20.08
C VAL B 308 10.40 -5.75 -20.16
N LEU B 309 10.40 -6.69 -19.21
CA LEU B 309 9.40 -7.79 -19.16
C LEU B 309 8.01 -7.20 -18.90
N LEU B 310 7.01 -7.85 -19.45
CA LEU B 310 5.60 -7.56 -19.14
C LEU B 310 4.93 -8.90 -18.94
N ARG B 311 4.60 -9.22 -17.70
CA ARG B 311 4.03 -10.52 -17.30
C ARG B 311 2.80 -10.32 -16.40
N PRO B 312 1.75 -11.17 -16.54
CA PRO B 312 0.48 -10.94 -15.85
C PRO B 312 0.48 -11.27 -14.35
N TYR B 313 1.32 -12.22 -13.91
CA TYR B 313 1.35 -12.74 -12.52
C TYR B 313 2.68 -13.45 -12.29
N PRO B 314 3.13 -13.57 -11.01
CA PRO B 314 4.49 -14.00 -10.70
C PRO B 314 4.84 -15.39 -11.25
N ASP B 315 3.88 -16.30 -11.22
CA ASP B 315 4.03 -17.72 -11.62
C ASP B 315 3.76 -17.90 -13.11
N SER B 316 3.64 -16.85 -13.92
CA SER B 316 3.27 -17.02 -15.36
C SER B 316 4.51 -17.55 -16.11
N PRO B 317 4.40 -18.58 -16.99
CA PRO B 317 5.52 -18.99 -17.84
C PRO B 317 5.79 -18.08 -19.05
N LEU B 318 5.02 -17.03 -19.31
CA LEU B 318 5.32 -16.12 -20.45
C LEU B 318 6.47 -15.25 -19.95
N PHE B 319 7.45 -15.01 -20.80
CA PHE B 319 8.58 -14.07 -20.56
C PHE B 319 8.76 -13.26 -21.84
N GLN B 320 7.72 -12.52 -22.19
CA GLN B 320 7.80 -11.58 -23.32
C GLN B 320 8.01 -10.19 -22.68
N THR B 321 8.59 -9.29 -23.47
CA THR B 321 8.86 -7.87 -23.22
C THR B 321 7.71 -6.96 -23.63
N ASN B 322 7.80 -5.72 -23.15
CA ASN B 322 6.95 -4.61 -23.59
C ASN B 322 7.14 -4.32 -25.08
N SER B 323 6.09 -3.82 -25.72
CA SER B 323 6.12 -3.25 -27.09
C SER B 323 6.08 -1.72 -27.03
N LEU B 324 6.27 -1.09 -28.17
CA LEU B 324 6.04 0.37 -28.27
C LEU B 324 4.61 0.68 -27.74
N GLU B 325 3.58 -0.13 -28.03
CA GLU B 325 2.18 0.21 -27.61
C GLU B 325 1.98 0.04 -26.08
N THR B 326 2.51 -1.01 -25.46
CA THR B 326 2.43 -1.26 -23.99
C THR B 326 3.32 -0.22 -23.25
N VAL B 327 4.41 0.26 -23.84
CA VAL B 327 5.30 1.27 -23.19
C VAL B 327 4.66 2.67 -23.28
N ARG B 328 3.99 3.04 -24.36
CA ARG B 328 3.20 4.32 -24.46
C ARG B 328 2.04 4.25 -23.45
N GLY B 329 1.47 3.06 -23.27
CA GLY B 329 0.44 2.77 -22.23
C GLY B 329 0.97 3.11 -20.83
N ALA B 330 2.13 2.58 -20.42
CA ALA B 330 2.69 2.78 -19.05
C ALA B 330 3.15 4.22 -18.91
N ALA B 331 3.73 4.78 -19.97
CA ALA B 331 4.26 6.15 -20.08
C ALA B 331 3.13 7.16 -19.85
N ALA B 332 2.04 7.01 -20.59
CA ALA B 332 0.85 7.91 -20.60
C ALA B 332 0.33 8.00 -19.18
N SER B 333 0.23 6.83 -18.58
CA SER B 333 -0.37 6.63 -17.24
C SER B 333 0.44 7.40 -16.22
N LEU B 334 1.75 7.09 -16.13
CA LEU B 334 2.65 7.54 -15.02
C LEU B 334 2.85 9.05 -15.18
N LEU B 335 3.01 9.51 -16.42
CA LEU B 335 3.12 10.97 -16.69
C LEU B 335 1.84 11.67 -16.21
N ASP B 336 0.67 11.11 -16.54
CA ASP B 336 -0.66 11.61 -16.09
C ASP B 336 -0.64 11.75 -14.56
N ARG B 337 -0.09 10.76 -13.85
CA ARG B 337 -0.15 10.67 -12.37
C ARG B 337 0.89 11.57 -11.72
N GLY B 338 1.66 12.30 -12.53
CA GLY B 338 2.67 13.27 -12.07
C GLY B 338 4.12 12.78 -12.18
N ALA B 339 4.46 11.71 -12.89
CA ALA B 339 5.89 11.32 -13.03
C ALA B 339 6.63 12.48 -13.70
N GLN B 340 7.76 12.90 -13.12
CA GLN B 340 8.61 14.02 -13.63
C GLN B 340 9.70 13.49 -14.57
N ARG B 341 9.85 12.17 -14.66
CA ARG B 341 10.72 11.46 -15.62
C ARG B 341 10.13 10.06 -15.86
N ILE B 342 10.28 9.53 -17.08
CA ILE B 342 10.13 8.09 -17.35
C ILE B 342 11.54 7.49 -17.45
N TYR B 343 11.81 6.51 -16.59
CA TYR B 343 13.14 5.87 -16.47
C TYR B 343 13.03 4.45 -17.06
N LEU B 344 13.86 4.09 -18.06
CA LEU B 344 13.87 2.76 -18.73
C LEU B 344 15.08 1.98 -18.26
N PHE B 345 14.85 0.77 -17.75
CA PHE B 345 15.87 -0.19 -17.27
C PHE B 345 15.67 -1.42 -18.16
N ASN B 346 16.78 -1.95 -18.71
CA ASN B 346 16.74 -3.16 -19.57
C ASN B 346 16.18 -2.87 -20.94
N TYR B 347 16.13 -1.60 -21.30
CA TYR B 347 15.71 -1.22 -22.69
C TYR B 347 16.96 -0.71 -23.43
N MET B 348 17.81 -1.67 -23.75
CA MET B 348 19.10 -1.36 -24.38
C MET B 348 18.94 -1.60 -25.89
N ASP B 349 20.04 -1.51 -26.65
CA ASP B 349 19.93 -1.41 -28.13
C ASP B 349 19.99 -2.79 -28.77
N SER B 350 20.06 -3.85 -27.97
CA SER B 350 20.23 -5.24 -28.48
C SER B 350 20.27 -6.14 -27.26
N GLN B 351 19.89 -7.41 -27.48
CA GLN B 351 20.05 -8.60 -26.61
C GLN B 351 19.08 -8.47 -25.44
N THR B 352 19.31 -7.53 -24.51
CA THR B 352 18.35 -7.19 -23.43
C THR B 352 17.62 -5.93 -23.86
N ALA B 353 16.41 -6.07 -24.42
CA ALA B 353 15.75 -4.99 -25.18
C ALA B 353 14.30 -5.36 -25.52
N MET B 354 13.44 -4.39 -25.87
CA MET B 354 12.11 -4.68 -26.46
C MET B 354 12.34 -5.63 -27.63
N GLU B 355 11.48 -6.62 -27.89
CA GLU B 355 11.58 -7.52 -29.08
C GLU B 355 11.22 -6.78 -30.39
N ASP B 356 10.31 -5.80 -30.35
CA ASP B 356 9.97 -4.88 -31.48
C ASP B 356 11.03 -3.77 -31.55
N LEU B 357 12.30 -4.18 -31.67
CA LEU B 357 13.50 -3.32 -31.65
C LEU B 357 13.49 -2.32 -32.80
N GLU B 358 12.82 -2.61 -33.91
CA GLU B 358 12.60 -1.61 -34.99
C GLU B 358 11.96 -0.33 -34.39
N ASN B 359 11.21 -0.41 -33.28
CA ASN B 359 10.43 0.75 -32.75
C ASN B 359 11.20 1.54 -31.68
N TYR B 360 12.44 1.17 -31.35
CA TYR B 360 13.27 1.82 -30.28
C TYR B 360 13.47 3.30 -30.61
N PRO B 361 13.87 3.69 -31.85
CA PRO B 361 14.06 5.11 -32.19
C PRO B 361 12.78 5.96 -31.95
N THR B 362 11.63 5.37 -32.27
CA THR B 362 10.30 6.02 -32.07
C THR B 362 10.09 6.19 -30.57
N LEU B 363 10.27 5.10 -29.83
CA LEU B 363 10.00 5.05 -28.37
C LEU B 363 10.75 6.19 -27.69
N LEU B 364 12.05 6.36 -28.01
CA LEU B 364 12.89 7.33 -27.28
C LEU B 364 12.51 8.76 -27.69
N ARG B 365 11.58 8.90 -28.64
CA ARG B 365 11.15 10.21 -29.20
C ARG B 365 9.70 10.51 -28.79
N GLU B 366 9.07 9.71 -27.93
CA GLU B 366 7.59 9.79 -27.72
C GLU B 366 7.20 9.69 -26.24
N ILE B 367 7.78 8.73 -25.50
CA ILE B 367 7.27 8.33 -24.17
C ILE B 367 7.70 9.31 -23.06
N GLY B 368 8.48 10.36 -23.38
CA GLY B 368 8.93 11.36 -22.39
C GLY B 368 7.99 12.55 -22.26
N SER B 369 6.83 12.51 -22.91
CA SER B 369 5.88 13.65 -22.95
C SER B 369 4.47 13.17 -23.31
N LEU B 370 3.45 13.77 -22.67
CA LEU B 370 2.05 13.47 -23.05
C LEU B 370 1.78 14.02 -24.47
N GLU B 371 2.38 15.18 -24.81
CA GLU B 371 2.25 15.86 -26.14
C GLU B 371 2.52 14.84 -27.26
N THR B 372 3.64 14.14 -27.20
CA THR B 372 4.08 13.19 -28.26
C THR B 372 3.38 11.82 -28.12
N LEU B 373 2.83 11.46 -26.95
CA LEU B 373 2.00 10.22 -26.81
C LEU B 373 0.60 10.43 -27.42
N ALA B 374 0.11 11.69 -27.44
CA ALA B 374 -1.29 12.08 -27.77
C ALA B 374 -1.70 11.53 -29.14
N GLY B 375 -2.89 10.94 -29.24
CA GLY B 375 -3.46 10.42 -30.49
C GLY B 375 -2.70 9.23 -31.06
N LYS B 376 -1.92 8.54 -30.25
CA LYS B 376 -1.15 7.33 -30.63
C LYS B 376 -1.71 6.10 -29.93
N PRO B 377 -1.83 4.99 -30.71
CA PRO B 377 -2.31 3.72 -30.15
C PRO B 377 -1.46 3.25 -28.95
N ARG B 378 -2.18 2.74 -27.95
CA ARG B 378 -1.59 2.42 -26.63
C ARG B 378 -2.36 1.28 -25.98
N ARG B 379 -1.64 0.57 -25.10
CA ARG B 379 -2.15 -0.63 -24.42
C ARG B 379 -1.79 -0.49 -22.96
N HIS B 380 -2.80 -0.66 -22.10
CA HIS B 380 -2.66 -0.56 -20.64
C HIS B 380 -2.93 -1.94 -20.08
N VAL B 381 -1.87 -2.65 -19.69
CA VAL B 381 -1.95 -4.09 -19.33
C VAL B 381 -1.93 -4.25 -17.81
N LEU B 382 -2.80 -5.08 -17.25
CA LEU B 382 -2.79 -5.42 -15.79
C LEU B 382 -1.55 -6.30 -15.46
N THR B 383 -0.67 -5.83 -14.57
CA THR B 383 0.45 -6.64 -14.06
C THR B 383 0.45 -6.63 -12.52
N PHE B 384 1.61 -6.44 -11.93
CA PHE B 384 1.82 -6.86 -10.53
C PHE B 384 3.16 -6.35 -10.06
N ALA B 385 3.21 -6.19 -8.75
CA ALA B 385 4.41 -5.69 -8.06
C ALA B 385 5.23 -6.91 -7.69
N ASP B 386 6.47 -6.96 -8.21
CA ASP B 386 7.33 -8.14 -7.93
C ASP B 386 7.99 -8.02 -6.54
N THR B 387 7.98 -6.85 -5.90
CA THR B 387 8.86 -6.66 -4.71
C THR B 387 8.05 -6.26 -3.47
N TRP B 388 8.28 -6.96 -2.36
CA TRP B 388 7.53 -6.82 -1.09
C TRP B 388 8.54 -7.02 0.03
N ALA B 389 8.41 -6.26 1.12
CA ALA B 389 9.38 -6.31 2.25
C ALA B 389 9.18 -7.65 2.94
N PRO B 390 10.16 -8.18 3.72
CA PRO B 390 9.99 -9.48 4.37
C PRO B 390 8.76 -9.55 5.29
N GLY B 391 7.90 -10.52 5.01
CA GLY B 391 6.58 -10.82 5.65
C GLY B 391 5.47 -9.86 5.30
N GLU B 392 5.70 -8.88 4.41
CA GLU B 392 4.71 -7.84 4.08
C GLU B 392 3.64 -8.51 3.24
N PRO B 393 2.35 -8.41 3.62
CA PRO B 393 1.26 -8.89 2.78
C PRO B 393 1.38 -8.44 1.31
N ARG B 394 1.25 -9.36 0.38
CA ARG B 394 1.37 -9.16 -1.09
C ARG B 394 0.00 -8.99 -1.74
N ALA B 395 -0.19 -7.92 -2.54
CA ALA B 395 -1.44 -7.63 -3.26
C ALA B 395 -1.20 -7.93 -4.74
N ILE B 396 -1.59 -9.12 -5.22
CA ILE B 396 -1.43 -9.61 -6.61
C ILE B 396 -2.79 -9.79 -7.27
N PRO B 397 -3.21 -8.96 -8.25
CA PRO B 397 -4.54 -9.13 -8.86
C PRO B 397 -4.77 -10.41 -9.70
N LEU B 398 -3.78 -10.91 -10.46
CA LEU B 398 -4.04 -12.05 -11.35
C LEU B 398 -3.28 -13.29 -10.88
N PRO B 399 -3.72 -14.53 -11.20
CA PRO B 399 -4.96 -14.76 -11.93
C PRO B 399 -6.18 -14.53 -11.01
N ALA B 400 -7.35 -14.34 -11.58
CA ALA B 400 -8.59 -14.08 -10.80
C ALA B 400 -9.72 -14.99 -11.27
N THR B 401 -10.29 -15.72 -10.31
CA THR B 401 -11.38 -16.68 -10.51
C THR B 401 -12.70 -15.95 -10.23
N CYS B 402 -13.70 -16.15 -11.12
CA CYS B 402 -15.07 -15.63 -10.91
C CYS B 402 -16.03 -16.80 -10.98
N ARG B 403 -16.66 -17.11 -9.84
CA ARG B 403 -17.70 -18.15 -9.72
C ARG B 403 -19.01 -17.66 -10.34
N PRO B 404 -19.93 -18.57 -10.74
CA PRO B 404 -21.19 -18.16 -11.37
C PRO B 404 -21.93 -17.15 -10.46
N GLY B 405 -22.41 -16.04 -11.01
CA GLY B 405 -23.25 -15.07 -10.26
C GLY B 405 -22.43 -14.11 -9.42
N GLU B 406 -21.11 -14.27 -9.35
CA GLU B 406 -20.14 -13.43 -8.58
C GLU B 406 -19.64 -12.29 -9.47
N TRP B 407 -19.17 -11.20 -8.84
CA TRP B 407 -18.54 -10.01 -9.47
C TRP B 407 -17.04 -9.92 -9.14
N ARG B 408 -16.25 -9.52 -10.12
CA ARG B 408 -14.80 -9.23 -9.92
C ARG B 408 -14.48 -7.93 -10.63
N ALA B 409 -13.81 -7.02 -9.96
CA ALA B 409 -13.44 -5.74 -10.58
C ALA B 409 -11.91 -5.68 -10.77
N PHE B 410 -11.48 -5.04 -11.85
CA PHE B 410 -10.04 -4.76 -12.11
C PHE B 410 -9.94 -3.28 -12.46
N ARG B 411 -9.15 -2.54 -11.71
CA ARG B 411 -8.87 -1.12 -12.03
C ARG B 411 -7.54 -1.08 -12.77
N LEU B 412 -7.56 -0.39 -13.89
CA LEU B 412 -6.40 -0.29 -14.77
C LEU B 412 -6.19 1.20 -14.96
N HIS B 413 -4.95 1.67 -14.81
CA HIS B 413 -4.63 3.11 -15.00
C HIS B 413 -4.35 3.38 -16.48
N THR B 414 -5.17 4.22 -17.10
CA THR B 414 -5.11 4.49 -18.56
C THR B 414 -4.74 5.97 -18.77
N GLY B 415 -4.34 6.67 -17.70
CA GLY B 415 -3.84 8.06 -17.78
C GLY B 415 -4.78 9.00 -18.54
N PRO B 416 -4.33 9.76 -19.58
CA PRO B 416 -5.17 10.80 -20.17
C PRO B 416 -6.47 10.22 -20.76
N LYS B 417 -7.59 10.93 -20.54
CA LYS B 417 -8.89 10.62 -21.19
C LYS B 417 -8.64 10.40 -22.68
N PRO B 418 -9.22 9.35 -23.29
CA PRO B 418 -8.92 9.01 -24.69
C PRO B 418 -9.34 10.11 -25.67
N GLU B 419 -8.61 10.20 -26.78
CA GLU B 419 -9.03 11.02 -27.96
C GLU B 419 -10.23 10.33 -28.59
N PRO B 420 -10.99 11.04 -29.48
CA PRO B 420 -11.98 10.38 -30.33
C PRO B 420 -11.32 9.16 -31.01
N GLY B 421 -12.00 8.02 -30.96
CA GLY B 421 -11.53 6.74 -31.54
C GLY B 421 -12.06 5.58 -30.72
N GLU B 422 -11.38 4.43 -30.75
CA GLU B 422 -11.91 3.15 -30.23
C GLU B 422 -11.24 2.80 -28.89
N VAL B 423 -11.99 2.22 -27.94
CA VAL B 423 -11.43 1.63 -26.68
C VAL B 423 -11.91 0.19 -26.54
N ILE B 424 -11.02 -0.79 -26.36
CA ILE B 424 -11.40 -2.21 -26.08
C ILE B 424 -10.98 -2.58 -24.65
N ALA B 425 -11.87 -3.23 -23.90
CA ALA B 425 -11.48 -3.88 -22.62
C ALA B 425 -11.23 -5.34 -23.00
N ALA B 426 -10.01 -5.87 -22.81
CA ALA B 426 -9.62 -7.20 -23.32
C ALA B 426 -9.31 -8.11 -22.12
N LEU B 427 -9.89 -9.31 -22.05
CA LEU B 427 -9.77 -10.24 -20.89
C LEU B 427 -9.40 -11.61 -21.41
N GLY B 428 -8.30 -12.14 -20.93
CA GLY B 428 -7.85 -13.49 -21.31
C GLY B 428 -8.30 -14.47 -20.27
N ILE B 429 -8.74 -15.65 -20.71
CA ILE B 429 -9.30 -16.72 -19.86
C ILE B 429 -8.42 -17.96 -19.97
N GLU B 430 -7.98 -18.51 -18.82
CA GLU B 430 -7.13 -19.74 -18.68
C GLU B 430 -7.97 -21.02 -18.53
N GLY B 431 -7.37 -22.18 -18.73
CA GLY B 431 -8.03 -23.46 -18.39
C GLY B 431 -8.81 -24.09 -19.54
N GLY B 432 -8.46 -23.77 -20.80
CA GLY B 432 -9.04 -24.35 -22.03
C GLY B 432 -10.50 -24.75 -21.88
N ALA B 434 -14.13 -21.51 -24.97
CA ALA B 434 -14.75 -21.81 -23.66
C ALA B 434 -16.00 -20.93 -23.50
N ILE B 435 -15.89 -19.63 -23.76
CA ILE B 435 -17.00 -18.68 -23.48
C ILE B 435 -17.88 -18.49 -24.74
N GLY B 436 -19.14 -18.15 -24.51
CA GLY B 436 -20.01 -17.49 -25.49
C GLY B 436 -20.05 -15.98 -25.26
N PRO B 437 -20.85 -15.27 -26.09
CA PRO B 437 -21.03 -13.81 -25.98
C PRO B 437 -21.68 -13.29 -24.69
N GLU B 438 -22.36 -14.18 -23.97
CA GLU B 438 -23.06 -13.81 -22.71
C GLU B 438 -22.44 -14.50 -21.50
N THR B 439 -21.38 -15.30 -21.68
CA THR B 439 -20.77 -15.99 -20.51
C THR B 439 -20.31 -14.90 -19.54
N LEU B 440 -19.80 -13.80 -20.10
CA LEU B 440 -19.36 -12.61 -19.35
C LEU B 440 -20.32 -11.44 -19.59
N GLU B 441 -20.69 -10.77 -18.51
CA GLU B 441 -21.22 -9.41 -18.59
C GLU B 441 -20.10 -8.50 -18.14
N VAL B 442 -19.78 -7.53 -18.97
CA VAL B 442 -18.61 -6.66 -18.72
C VAL B 442 -19.13 -5.23 -18.64
N ARG B 443 -18.75 -4.52 -17.61
CA ARG B 443 -19.00 -3.06 -17.56
C ARG B 443 -17.70 -2.30 -17.38
N VAL B 444 -17.64 -1.11 -17.95
CA VAL B 444 -16.56 -0.15 -17.66
C VAL B 444 -17.17 1.11 -17.04
N ASN B 445 -16.77 1.40 -15.81
CA ASN B 445 -17.32 2.52 -14.99
C ASN B 445 -18.84 2.42 -14.94
N GLY B 446 -19.37 1.20 -14.85
CA GLY B 446 -20.82 0.96 -14.77
C GLY B 446 -21.50 0.78 -16.12
N GLU B 447 -20.87 1.17 -17.24
CA GLU B 447 -21.55 1.14 -18.58
C GLU B 447 -21.33 -0.22 -19.29
N LEU B 448 -22.41 -0.87 -19.72
CA LEU B 448 -22.40 -2.14 -20.49
C LEU B 448 -21.52 -2.01 -21.73
N CYS B 449 -20.60 -2.97 -21.93
CA CYS B 449 -19.66 -3.07 -23.07
C CYS B 449 -20.18 -4.13 -24.07
N ALA B 450 -20.16 -3.82 -25.37
CA ALA B 450 -20.56 -4.77 -26.43
C ALA B 450 -19.52 -5.88 -26.50
N PHE B 451 -19.97 -7.13 -26.68
CA PHE B 451 -19.08 -8.25 -27.06
C PHE B 451 -18.52 -7.95 -28.45
N LEU B 452 -17.20 -8.09 -28.60
CA LEU B 452 -16.52 -7.94 -29.90
C LEU B 452 -16.12 -9.30 -30.48
N GLY B 453 -15.73 -10.25 -29.64
CA GLY B 453 -15.18 -11.57 -30.05
C GLY B 453 -13.70 -11.69 -29.70
N LEU B 454 -13.09 -12.83 -30.00
CA LEU B 454 -11.61 -13.11 -29.96
C LEU B 454 -10.81 -11.91 -30.52
N VAL B 455 -9.84 -11.39 -29.76
CA VAL B 455 -8.91 -10.31 -30.20
C VAL B 455 -7.55 -10.97 -30.55
N ASP B 456 -6.97 -10.63 -31.70
CA ASP B 456 -5.62 -11.09 -32.11
C ASP B 456 -4.59 -10.08 -31.61
N LEU B 457 -4.14 -10.22 -30.36
CA LEU B 457 -3.19 -9.28 -29.73
C LEU B 457 -1.83 -9.28 -30.46
N SER B 458 -1.15 -8.14 -30.50
CA SER B 458 0.30 -8.09 -30.79
C SER B 458 1.06 -8.53 -29.53
N LYS B 459 2.28 -9.03 -29.69
CA LYS B 459 3.13 -9.45 -28.53
C LYS B 459 3.65 -8.20 -27.81
N PRO B 460 3.37 -7.97 -26.50
CA PRO B 460 3.21 -9.03 -25.49
C PRO B 460 1.76 -9.56 -25.45
N ARG B 461 1.59 -10.89 -25.49
CA ARG B 461 0.25 -11.51 -25.46
C ARG B 461 0.31 -12.85 -24.74
N PRO B 462 -0.79 -13.34 -24.12
CA PRO B 462 -0.80 -14.62 -23.42
C PRO B 462 -0.99 -15.79 -24.39
N ASP B 463 -0.83 -17.02 -23.89
CA ASP B 463 -0.98 -18.26 -24.72
C ASP B 463 -2.36 -18.88 -24.43
N PHE B 464 -3.40 -18.04 -24.36
CA PHE B 464 -4.79 -18.44 -24.04
C PHE B 464 -5.72 -17.40 -24.66
N PRO B 465 -7.01 -17.74 -24.87
CA PRO B 465 -7.98 -16.84 -25.53
C PRO B 465 -8.12 -15.46 -24.88
N VAL B 466 -8.03 -14.41 -25.71
CA VAL B 466 -8.29 -13.02 -25.28
C VAL B 466 -9.58 -12.53 -25.97
N TYR B 467 -10.59 -12.19 -25.16
CA TYR B 467 -11.92 -11.74 -25.58
C TYR B 467 -12.02 -10.23 -25.40
N GLY B 468 -12.58 -9.56 -26.42
CA GLY B 468 -12.63 -8.10 -26.49
C GLY B 468 -14.03 -7.62 -26.21
N PHE B 469 -14.14 -6.51 -25.51
CA PHE B 469 -15.44 -5.88 -25.21
C PHE B 469 -15.33 -4.39 -25.58
N SER B 470 -16.20 -3.91 -26.47
CA SER B 470 -16.13 -2.51 -26.95
C SER B 470 -16.67 -1.60 -25.83
N VAL B 471 -15.94 -0.52 -25.54
CA VAL B 471 -16.21 0.38 -24.39
C VAL B 471 -16.79 1.70 -24.90
N PRO B 472 -18.00 2.13 -24.49
CA PRO B 472 -18.49 3.47 -24.86
C PRO B 472 -17.43 4.54 -24.52
N LEU B 473 -17.09 5.38 -25.48
CA LEU B 473 -15.91 6.28 -25.35
C LEU B 473 -16.15 7.15 -24.11
N ALA B 474 -17.39 7.60 -23.97
CA ALA B 474 -17.82 8.63 -22.99
C ALA B 474 -17.55 8.09 -21.57
N ALA B 475 -17.60 6.77 -21.43
CA ALA B 475 -17.45 6.03 -20.16
C ALA B 475 -16.05 6.26 -19.60
N MET B 476 -15.03 6.38 -20.45
CA MET B 476 -13.61 6.34 -20.04
C MET B 476 -13.27 7.66 -19.32
N ARG B 477 -12.55 7.55 -18.21
CA ARG B 477 -12.21 8.68 -17.29
C ARG B 477 -10.70 8.96 -17.36
N ARG B 478 -10.28 10.14 -16.93
CA ARG B 478 -8.88 10.41 -16.58
C ARG B 478 -8.50 9.49 -15.42
N GLY B 479 -7.37 8.81 -15.59
CA GLY B 479 -6.74 7.96 -14.55
C GLY B 479 -7.22 6.52 -14.57
N TYR B 480 -7.62 6.02 -13.41
CA TYR B 480 -8.13 4.64 -13.28
C TYR B 480 -9.47 4.50 -14.01
N ASN B 481 -9.63 3.34 -14.63
CA ASN B 481 -10.90 2.91 -15.24
C ASN B 481 -11.15 1.50 -14.75
N LEU B 482 -12.41 1.23 -14.38
CA LEU B 482 -12.79 0.05 -13.62
C LEU B 482 -13.55 -0.88 -14.55
N ILE B 483 -12.95 -2.04 -14.81
CA ILE B 483 -13.62 -3.19 -15.44
C ILE B 483 -14.32 -3.94 -14.33
N GLU B 484 -15.62 -4.20 -14.48
CA GLU B 484 -16.32 -5.10 -13.55
C GLU B 484 -16.83 -6.20 -14.46
N VAL B 485 -16.73 -7.45 -14.02
CA VAL B 485 -17.25 -8.62 -14.76
C VAL B 485 -18.09 -9.48 -13.82
N THR B 486 -19.09 -10.13 -14.38
CA THR B 486 -19.75 -11.28 -13.72
C THR B 486 -19.77 -12.40 -14.77
N ALA B 487 -19.64 -13.67 -14.35
CA ALA B 487 -19.64 -14.84 -15.25
C ALA B 487 -20.83 -15.75 -14.92
N ARG B 488 -21.39 -16.38 -15.94
CA ARG B 488 -22.50 -17.36 -15.83
C ARG B 488 -21.90 -18.79 -15.81
N GLN B 489 -20.56 -18.89 -15.99
CA GLN B 489 -19.76 -20.14 -15.84
C GLN B 489 -18.50 -19.81 -15.02
N GLU B 490 -17.99 -20.80 -14.30
CA GLU B 490 -16.75 -20.60 -13.50
C GLU B 490 -15.59 -20.39 -14.48
N LEU B 491 -14.80 -19.34 -14.26
CA LEU B 491 -13.78 -18.88 -15.22
C LEU B 491 -12.58 -18.41 -14.42
N ARG B 492 -11.38 -18.60 -14.94
CA ARG B 492 -10.18 -17.96 -14.38
C ARG B 492 -9.63 -16.97 -15.42
N PHE B 493 -9.47 -15.71 -15.01
CA PHE B 493 -8.85 -14.63 -15.82
C PHE B 493 -7.34 -14.63 -15.59
N GLY B 494 -6.55 -14.60 -16.67
CA GLY B 494 -5.08 -14.52 -16.57
C GLY B 494 -4.50 -13.31 -17.26
N TRP B 495 -5.38 -12.43 -17.75
CA TRP B 495 -4.97 -11.26 -18.54
C TRP B 495 -6.12 -10.25 -18.61
N ALA B 496 -5.79 -8.96 -18.55
CA ALA B 496 -6.75 -7.84 -18.58
C ALA B 496 -5.97 -6.66 -19.16
N GLU B 497 -6.51 -5.98 -20.18
CA GLU B 497 -5.91 -4.69 -20.58
C GLU B 497 -6.96 -3.84 -21.27
N PHE B 498 -6.75 -2.54 -21.28
CA PHE B 498 -7.41 -1.59 -22.21
C PHE B 498 -6.48 -1.34 -23.41
N LEU B 499 -7.02 -1.47 -24.64
CA LEU B 499 -6.43 -1.03 -25.94
C LEU B 499 -7.17 0.24 -26.39
N ILE B 500 -6.44 1.34 -26.55
CA ILE B 500 -6.98 2.67 -26.92
C ILE B 500 -6.34 3.02 -28.26
N ARG B 501 -7.19 3.21 -29.26
CA ARG B 501 -6.76 3.44 -30.67
C ARG B 501 -7.40 4.74 -31.16
N PRO B 502 -6.76 5.90 -30.91
CA PRO B 502 -7.15 7.15 -31.54
C PRO B 502 -6.96 7.14 -33.06
#